data_2XPK
#
_entry.id   2XPK
#
_cell.length_a   130.145
_cell.length_b   144.970
_cell.length_c   153.061
_cell.angle_alpha   90.00
_cell.angle_beta   90.00
_cell.angle_gamma   90.00
#
_symmetry.space_group_name_H-M   'I 21 21 21'
#
loop_
_entity.id
_entity.type
_entity.pdbx_description
1 polymer 'O-GLCNACASE NAGJ'
2 non-polymer N-[(5R,6R,7R,8S)-6,7-DIHYDROXY-5-(HYDROXYMETHYL)-2-(2-PHENYLETHYL)-5,6,7,8-TETRAHYDROIMIDAZO[1,2-A]PYRIDIN-8-YL]-3-SULFANYLPROPANAMIDE
3 water water
#
_entity_poly.entity_id   1
_entity_poly.type   'polypeptide(L)'
_entity_poly.pdbx_seq_one_letter_code
;VGPKTGEENQVLVPNLNPTPENLEVVGDGFKITSSINLVGEEEADENAVNALREFLTANNIEINSENDPNSTTLIIGEVD
DDIPELDEALNGTTAENLKEEGYALVSNDGKIAIEGKDGDGTFYGVQTFKQLVKESNIPEVNITDYPTVSARGIVEGFYG
TPWTHQDRLDQIKFYGENKLNTYIYAPKDDPYHREKWREPYPESEMQRMQELINASAENKVDFVFGISPGIDIRFDGDAG
EEDFNHLITKAESLYDMGVRSFAIYWDDIQDKSAAKHAQVLNRFNEEFVKAKGDVKPLITCPTEYDTGAMVSNGQPRAYT
RIFAETVDPSIEVMWTGPGVVTNEIPLSDAQLISGIYDRNMAVWWNYPVTDYFKGKLALGPMHGLDKGLNQYVDFFTVNP
MEHAELSKISIHTAADYSWNMDNYDYDKAWNRAIDMLYGDLAEDMKVFANHSTRMDNKTWAKSGREDAPELRAKMDELWN
KLSSKEDASALIEELYGEFARMEEACNNLKANLPEVALEECSRQLDELITLAQGDKASLDMIVAQLNEDTEAYESAKEIA
QNKLNTALSSFAVISEKVAQSFIQEALSFDLTLI
;
_entity_poly.pdbx_strand_id   A,B
#
# COMPACT_ATOMS: atom_id res chain seq x y z
N GLN A 10 -24.78 -33.55 24.79
CA GLN A 10 -24.86 -34.87 25.47
C GLN A 10 -24.90 -36.04 24.47
N VAL A 11 -23.74 -36.48 23.99
CA VAL A 11 -22.43 -35.89 24.25
C VAL A 11 -21.79 -35.46 22.92
N LEU A 12 -21.23 -34.24 22.93
CA LEU A 12 -20.79 -33.57 21.71
C LEU A 12 -19.33 -33.91 21.35
N VAL A 13 -19.04 -33.96 20.05
CA VAL A 13 -17.69 -34.20 19.54
C VAL A 13 -16.77 -33.03 19.84
N PRO A 14 -15.65 -33.27 20.56
CA PRO A 14 -14.68 -32.20 20.86
C PRO A 14 -13.99 -31.64 19.62
N ASN A 15 -13.21 -30.58 19.81
CA ASN A 15 -12.36 -30.08 18.75
C ASN A 15 -11.45 -31.20 18.34
N LEU A 16 -11.32 -31.41 17.03
CA LEU A 16 -10.41 -32.44 16.54
C LEU A 16 -9.38 -31.85 15.57
N ASN A 17 -8.14 -32.30 15.67
CA ASN A 17 -7.11 -31.89 14.73
C ASN A 17 -6.14 -33.00 14.37
N PRO A 18 -5.96 -33.27 13.07
CA PRO A 18 -6.67 -32.73 11.91
C PRO A 18 -8.14 -33.15 11.86
N THR A 19 -8.92 -32.54 10.97
CA THR A 19 -10.31 -32.91 10.79
C THR A 19 -10.37 -34.26 10.07
N PRO A 20 -10.97 -35.29 10.69
CA PRO A 20 -11.10 -36.60 10.05
C PRO A 20 -11.91 -36.52 8.77
N GLU A 21 -11.54 -37.33 7.79
CA GLU A 21 -12.18 -37.31 6.48
C GLU A 21 -13.69 -37.54 6.54
N ASN A 22 -14.10 -38.57 7.28
CA ASN A 22 -15.50 -38.96 7.38
C ASN A 22 -15.85 -39.22 8.84
N LEU A 23 -16.71 -38.39 9.42
CA LEU A 23 -17.17 -38.59 10.80
C LEU A 23 -18.68 -38.49 10.89
N GLU A 24 -19.28 -39.52 11.47
CA GLU A 24 -20.73 -39.58 11.62
C GLU A 24 -21.07 -39.85 13.07
N VAL A 25 -21.98 -39.05 13.62
CA VAL A 25 -22.52 -39.28 14.94
C VAL A 25 -23.71 -40.22 14.85
N VAL A 26 -23.57 -41.41 15.44
CA VAL A 26 -24.61 -42.46 15.32
C VAL A 26 -25.33 -42.75 16.64
N GLY A 27 -24.98 -42.03 17.69
CA GLY A 27 -25.56 -42.27 19.00
C GLY A 27 -25.57 -41.09 19.93
N ASP A 28 -25.78 -41.37 21.21
CA ASP A 28 -25.89 -40.34 22.23
C ASP A 28 -24.59 -40.18 23.00
N GLY A 29 -23.72 -41.19 22.91
CA GLY A 29 -22.47 -41.22 23.64
C GLY A 29 -22.59 -41.92 24.98
N PHE A 30 -21.45 -42.11 25.64
CA PHE A 30 -21.38 -42.89 26.89
C PHE A 30 -20.14 -42.58 27.73
N LYS A 31 -20.19 -42.99 28.99
CA LYS A 31 -19.07 -42.83 29.90
C LYS A 31 -18.17 -44.04 29.80
N ILE A 32 -16.87 -43.80 29.81
CA ILE A 32 -15.87 -44.88 29.85
C ILE A 32 -15.56 -45.20 31.31
N THR A 33 -15.65 -46.48 31.68
CA THR A 33 -15.52 -46.91 33.07
C THR A 33 -14.15 -46.64 33.72
N SER A 34 -14.10 -46.72 35.05
CA SER A 34 -12.90 -46.49 35.87
C SER A 34 -11.71 -47.35 35.47
N SER A 35 -12.02 -48.49 34.86
CA SER A 35 -11.02 -49.40 34.35
C SER A 35 -11.68 -50.16 33.20
N ILE A 36 -10.87 -50.65 32.27
CA ILE A 36 -11.39 -51.16 31.01
C ILE A 36 -10.77 -52.48 30.58
N ASN A 37 -11.42 -53.14 29.64
CA ASN A 37 -10.89 -54.34 29.00
C ASN A 37 -10.14 -53.96 27.76
N LEU A 38 -8.97 -54.57 27.57
CA LEU A 38 -8.14 -54.28 26.42
C LEU A 38 -7.96 -55.52 25.58
N VAL A 39 -8.35 -55.42 24.32
CA VAL A 39 -8.23 -56.54 23.40
C VAL A 39 -7.33 -56.16 22.24
N GLY A 40 -6.30 -56.98 22.00
CA GLY A 40 -5.47 -56.84 20.81
C GLY A 40 -4.04 -56.35 21.00
N GLU A 41 -3.68 -55.97 22.22
CA GLU A 41 -2.37 -55.38 22.54
C GLU A 41 -1.15 -56.13 21.99
N GLU A 42 -1.28 -57.45 21.87
CA GLU A 42 -0.16 -58.31 21.57
C GLU A 42 0.21 -58.34 20.08
N GLU A 43 -0.76 -58.04 19.22
CA GLU A 43 -0.53 -58.03 17.75
C GLU A 43 -0.60 -56.64 17.11
N ALA A 44 -1.26 -55.71 17.79
CA ALA A 44 -1.35 -54.31 17.34
C ALA A 44 0.02 -53.64 17.26
N ASP A 45 0.06 -52.47 16.64
CA ASP A 45 1.29 -51.67 16.56
C ASP A 45 1.76 -51.24 17.95
N GLU A 46 3.02 -51.54 18.25
CA GLU A 46 3.65 -51.25 19.55
C GLU A 46 3.58 -49.77 19.97
N ASN A 47 3.94 -48.87 19.05
CA ASN A 47 3.86 -47.42 19.27
C ASN A 47 2.45 -46.93 19.61
N ALA A 48 1.47 -47.39 18.82
CA ALA A 48 0.03 -47.13 19.04
C ALA A 48 -0.39 -47.52 20.45
N VAL A 49 0.03 -48.71 20.86
CA VAL A 49 -0.29 -49.30 22.16
C VAL A 49 0.33 -48.49 23.28
N ASN A 50 1.57 -48.05 23.09
CA ASN A 50 2.25 -47.27 24.12
C ASN A 50 1.62 -45.90 24.32
N ALA A 51 1.15 -45.32 23.21
CA ALA A 51 0.44 -44.04 23.25
C ALA A 51 -0.90 -44.20 23.97
N LEU A 52 -1.51 -45.37 23.81
CA LEU A 52 -2.76 -45.69 24.51
C LEU A 52 -2.53 -45.85 26.00
N ARG A 53 -1.61 -46.74 26.37
CA ARG A 53 -1.19 -46.92 27.76
C ARG A 53 -0.89 -45.60 28.45
N GLU A 54 -0.05 -44.77 27.79
CA GLU A 54 0.35 -43.44 28.28
C GLU A 54 -0.87 -42.60 28.63
N PHE A 55 -1.83 -42.53 27.71
CA PHE A 55 -3.06 -41.75 27.90
C PHE A 55 -3.93 -42.31 29.02
N LEU A 56 -4.03 -43.62 29.07
CA LEU A 56 -4.81 -44.32 30.05
C LEU A 56 -4.27 -44.16 31.47
N THR A 57 -2.95 -44.18 31.62
CA THR A 57 -2.34 -43.90 32.92
C THR A 57 -2.65 -42.46 33.33
N ALA A 58 -2.50 -41.53 32.37
CA ALA A 58 -2.67 -40.10 32.60
C ALA A 58 -4.10 -39.69 32.97
N ASN A 59 -5.09 -40.48 32.53
CA ASN A 59 -6.48 -40.15 32.81
C ASN A 59 -7.09 -41.03 33.90
N ASN A 60 -6.23 -41.68 34.69
CA ASN A 60 -6.62 -42.57 35.80
C ASN A 60 -7.47 -43.75 35.39
N ILE A 61 -7.16 -44.32 34.22
CA ILE A 61 -7.94 -45.43 33.70
C ILE A 61 -7.08 -46.70 33.76
N GLU A 62 -7.58 -47.68 34.49
CA GLU A 62 -6.85 -48.91 34.78
C GLU A 62 -7.18 -50.00 33.77
N ILE A 63 -6.20 -50.84 33.45
CA ILE A 63 -6.44 -51.95 32.52
C ILE A 63 -6.75 -53.25 33.28
N ASN A 64 -7.83 -53.92 32.90
CA ASN A 64 -8.24 -55.20 33.52
C ASN A 64 -7.25 -56.32 33.29
N SER A 65 -7.14 -57.20 34.28
CA SER A 65 -6.25 -58.36 34.19
C SER A 65 -7.00 -59.48 33.49
N GLU A 66 -8.31 -59.48 33.65
CA GLU A 66 -9.19 -60.46 33.04
C GLU A 66 -10.48 -59.76 32.71
N ASN A 67 -11.06 -60.12 31.57
CA ASN A 67 -12.29 -59.49 31.13
C ASN A 67 -13.34 -59.41 32.23
N ASP A 68 -13.98 -58.26 32.38
CA ASP A 68 -15.27 -58.20 33.06
C ASP A 68 -16.34 -57.99 31.99
N PRO A 69 -17.63 -58.23 32.33
CA PRO A 69 -18.71 -58.03 31.35
C PRO A 69 -19.30 -56.61 31.23
N ASN A 70 -19.19 -55.79 32.29
CA ASN A 70 -19.77 -54.44 32.28
C ASN A 70 -18.81 -53.22 32.38
N SER A 71 -17.52 -53.48 32.20
CA SER A 71 -16.47 -52.50 31.86
C SER A 71 -16.54 -52.14 30.38
N THR A 72 -16.13 -50.92 30.05
CA THR A 72 -15.95 -50.51 28.67
C THR A 72 -14.82 -51.36 28.05
N THR A 73 -15.02 -51.75 26.79
CA THR A 73 -14.06 -52.57 26.05
C THR A 73 -13.37 -51.75 24.95
N LEU A 74 -12.04 -51.88 24.88
CA LEU A 74 -11.28 -51.22 23.83
C LEU A 74 -10.51 -52.25 22.99
N ILE A 75 -10.78 -52.25 21.69
CA ILE A 75 -10.13 -53.16 20.77
C ILE A 75 -9.26 -52.37 19.78
N ILE A 76 -8.02 -52.84 19.60
CA ILE A 76 -7.02 -52.14 18.80
C ILE A 76 -6.14 -53.10 17.96
N GLY A 77 -6.03 -52.83 16.66
CA GLY A 77 -5.18 -53.64 15.79
C GLY A 77 -5.14 -53.15 14.35
N GLU A 78 -4.52 -53.95 13.48
CA GLU A 78 -4.44 -53.68 12.04
C GLU A 78 -5.30 -54.67 11.25
N VAL A 79 -5.55 -54.36 9.97
CA VAL A 79 -6.42 -55.18 9.11
C VAL A 79 -5.85 -56.58 8.82
N ASP A 80 -4.52 -56.68 8.73
CA ASP A 80 -3.81 -57.95 8.48
C ASP A 80 -3.91 -58.88 9.68
N ASP A 81 -4.16 -58.31 10.86
CA ASP A 81 -4.07 -59.02 12.13
C ASP A 81 -5.24 -59.95 12.40
N ASP A 82 -4.99 -60.99 13.19
CA ASP A 82 -6.02 -61.94 13.60
C ASP A 82 -6.71 -61.54 14.90
N ILE A 83 -7.73 -60.69 14.77
CA ILE A 83 -8.54 -60.22 15.90
C ILE A 83 -10.03 -60.24 15.54
N PRO A 84 -10.73 -61.35 15.82
CA PRO A 84 -12.15 -61.46 15.51
C PRO A 84 -13.05 -60.40 16.18
N GLU A 85 -12.74 -60.02 17.43
CA GLU A 85 -13.55 -59.04 18.18
C GLU A 85 -13.50 -57.64 17.56
N LEU A 86 -12.49 -57.41 16.72
CA LEU A 86 -12.29 -56.15 16.04
C LEU A 86 -13.27 -56.04 14.88
N ASP A 87 -13.35 -57.09 14.07
CA ASP A 87 -14.35 -57.18 13.00
C ASP A 87 -15.77 -57.06 13.53
N GLU A 88 -15.98 -57.53 14.74
CA GLU A 88 -17.29 -57.48 15.41
C GLU A 88 -17.67 -56.08 15.90
N ALA A 89 -16.74 -55.42 16.58
CA ALA A 89 -17.00 -54.11 17.20
C ALA A 89 -17.12 -52.97 16.18
N LEU A 90 -16.52 -53.17 15.01
CA LEU A 90 -16.63 -52.24 13.90
C LEU A 90 -18.05 -52.21 13.31
N ASN A 91 -18.58 -53.41 13.06
CA ASN A 91 -19.94 -53.61 12.50
C ASN A 91 -20.20 -52.86 11.18
N GLY A 92 -19.46 -53.25 10.15
CA GLY A 92 -19.64 -52.69 8.81
C GLY A 92 -18.40 -52.01 8.27
N THR A 93 -18.12 -50.80 8.75
CA THR A 93 -17.01 -49.96 8.29
C THR A 93 -15.64 -50.49 8.69
N THR A 94 -14.65 -50.27 7.82
CA THR A 94 -13.29 -50.83 7.99
C THR A 94 -12.19 -50.00 7.31
N ALA A 95 -10.94 -50.30 7.64
CA ALA A 95 -9.81 -49.56 7.09
C ALA A 95 -9.14 -50.28 5.92
N GLU A 96 -9.75 -51.37 5.45
CA GLU A 96 -9.19 -52.16 4.35
C GLU A 96 -9.09 -51.38 3.03
N ASN A 97 -10.07 -50.51 2.79
CA ASN A 97 -10.15 -49.77 1.54
C ASN A 97 -9.38 -48.45 1.49
N LEU A 98 -8.55 -48.20 2.51
CA LEU A 98 -7.94 -46.88 2.68
C LEU A 98 -6.45 -46.87 2.40
N LYS A 99 -5.91 -45.69 2.10
CA LYS A 99 -4.47 -45.52 1.80
C LYS A 99 -3.61 -45.68 3.06
N GLU A 100 -2.30 -45.74 2.86
CA GLU A 100 -1.37 -45.82 3.98
C GLU A 100 -1.69 -44.72 4.97
N GLU A 101 -1.55 -45.03 6.26
CA GLU A 101 -1.85 -44.13 7.39
C GLU A 101 -3.35 -43.97 7.67
N GLY A 102 -4.20 -44.63 6.87
CA GLY A 102 -5.63 -44.66 7.14
C GLY A 102 -5.98 -45.50 8.35
N TYR A 103 -7.15 -45.26 8.92
CA TYR A 103 -7.65 -46.05 10.03
C TYR A 103 -9.16 -45.85 10.10
N ALA A 104 -9.84 -46.86 10.66
CA ALA A 104 -11.23 -46.72 11.07
C ALA A 104 -11.31 -46.69 12.58
N LEU A 105 -12.28 -45.96 13.11
CA LEU A 105 -12.56 -45.92 14.53
C LEU A 105 -14.07 -45.92 14.71
N VAL A 106 -14.56 -46.81 15.58
CA VAL A 106 -15.98 -46.90 15.90
C VAL A 106 -16.18 -46.86 17.40
N SER A 107 -17.03 -45.95 17.86
CA SER A 107 -17.46 -45.92 19.25
C SER A 107 -18.95 -46.20 19.34
N ASN A 108 -19.28 -47.36 19.90
CA ASN A 108 -20.66 -47.82 20.04
C ASN A 108 -20.94 -48.57 21.35
N ASP A 109 -21.85 -48.02 22.13
CA ASP A 109 -22.18 -48.48 23.50
C ASP A 109 -21.25 -49.53 24.13
N GLY A 110 -20.24 -49.05 24.84
CA GLY A 110 -19.31 -49.88 25.60
C GLY A 110 -18.09 -50.35 24.86
N LYS A 111 -18.06 -50.11 23.56
CA LYS A 111 -17.02 -50.64 22.67
C LYS A 111 -16.37 -49.57 21.79
N ILE A 112 -15.08 -49.35 21.98
CA ILE A 112 -14.29 -48.54 21.06
C ILE A 112 -13.40 -49.44 20.22
N ALA A 113 -13.50 -49.31 18.90
CA ALA A 113 -12.67 -50.10 18.00
C ALA A 113 -11.78 -49.20 17.10
N ILE A 114 -10.47 -49.47 17.15
CA ILE A 114 -9.46 -48.76 16.36
C ILE A 114 -8.75 -49.76 15.46
N GLU A 115 -8.93 -49.60 14.14
CA GLU A 115 -8.28 -50.44 13.15
C GLU A 115 -7.52 -49.61 12.12
N GLY A 116 -6.20 -49.79 12.07
CA GLY A 116 -5.39 -49.12 11.07
C GLY A 116 -5.13 -49.98 9.86
N LYS A 117 -5.03 -49.33 8.71
CA LYS A 117 -4.56 -49.97 7.49
C LYS A 117 -3.10 -50.44 7.67
N ASP A 118 -2.34 -49.70 8.47
CA ASP A 118 -0.98 -50.07 8.82
C ASP A 118 -0.71 -49.62 10.26
N GLY A 119 0.49 -49.90 10.77
CA GLY A 119 0.91 -49.42 12.09
C GLY A 119 0.74 -47.91 12.29
N ASP A 120 1.06 -47.11 11.26
CA ASP A 120 0.88 -45.66 11.34
C ASP A 120 -0.59 -45.36 11.55
N GLY A 121 -1.44 -45.99 10.75
CA GLY A 121 -2.88 -45.85 10.86
C GLY A 121 -3.40 -46.00 12.27
N THR A 122 -2.97 -47.06 12.95
CA THR A 122 -3.46 -47.41 14.28
C THR A 122 -3.01 -46.38 15.30
N PHE A 123 -1.74 -45.97 15.19
CA PHE A 123 -1.23 -44.87 15.97
C PHE A 123 -2.10 -43.61 15.80
N TYR A 124 -2.38 -43.25 14.56
CA TYR A 124 -3.23 -42.09 14.30
C TYR A 124 -4.63 -42.23 14.90
N GLY A 125 -5.26 -43.38 14.70
CA GLY A 125 -6.50 -43.69 15.40
C GLY A 125 -6.46 -43.45 16.90
N VAL A 126 -5.36 -43.83 17.54
CA VAL A 126 -5.20 -43.59 18.98
C VAL A 126 -5.23 -42.08 19.26
N GLN A 127 -4.52 -41.30 18.46
CA GLN A 127 -4.54 -39.84 18.61
C GLN A 127 -5.95 -39.25 18.56
N THR A 128 -6.78 -39.74 17.64
CA THR A 128 -8.12 -39.25 17.48
C THR A 128 -8.94 -39.62 18.71
N PHE A 129 -8.70 -40.84 19.19
CA PHE A 129 -9.35 -41.37 20.39
C PHE A 129 -9.06 -40.49 21.61
N LYS A 130 -7.78 -40.17 21.81
CA LYS A 130 -7.35 -39.21 22.84
C LYS A 130 -8.08 -37.86 22.76
N GLN A 131 -8.29 -37.35 21.55
CA GLN A 131 -9.00 -36.08 21.35
C GLN A 131 -10.51 -36.24 21.52
N LEU A 132 -11.03 -37.45 21.29
CA LEU A 132 -12.44 -37.72 21.49
C LEU A 132 -12.87 -37.75 22.96
N VAL A 133 -12.03 -38.36 23.80
CA VAL A 133 -12.31 -38.51 25.22
C VAL A 133 -12.15 -37.20 26.00
N LYS A 134 -13.24 -36.74 26.57
CA LYS A 134 -13.23 -35.62 27.50
C LYS A 134 -14.04 -36.04 28.74
N GLU A 135 -13.46 -35.98 29.94
CA GLU A 135 -14.23 -36.28 31.15
C GLU A 135 -14.60 -37.76 31.26
N SER A 136 -13.77 -38.63 30.71
CA SER A 136 -14.12 -40.05 30.50
C SER A 136 -15.31 -40.27 29.54
N ASN A 137 -16.00 -39.21 29.15
CA ASN A 137 -17.07 -39.27 28.15
C ASN A 137 -16.54 -39.27 26.72
N ILE A 138 -17.11 -40.14 25.90
CA ILE A 138 -16.79 -40.21 24.48
C ILE A 138 -18.09 -40.18 23.68
N PRO A 139 -18.13 -39.44 22.56
CA PRO A 139 -19.35 -39.47 21.73
C PRO A 139 -19.44 -40.79 20.97
N GLU A 140 -20.64 -41.12 20.46
CA GLU A 140 -20.81 -42.33 19.63
C GLU A 140 -20.64 -42.03 18.15
N VAL A 141 -19.51 -42.47 17.60
CA VAL A 141 -19.13 -42.09 16.23
C VAL A 141 -18.66 -43.25 15.36
N ASN A 142 -18.91 -43.10 14.06
CA ASN A 142 -18.23 -43.88 13.02
C ASN A 142 -17.25 -42.96 12.28
N ILE A 143 -16.00 -43.42 12.13
CA ILE A 143 -14.95 -42.64 11.48
C ILE A 143 -14.10 -43.50 10.54
N THR A 144 -13.90 -43.01 9.32
CA THR A 144 -12.79 -43.47 8.50
C THR A 144 -11.97 -42.23 8.10
N ASP A 145 -10.65 -42.35 8.16
CA ASP A 145 -9.78 -41.20 8.07
C ASP A 145 -8.45 -41.60 7.43
N TYR A 146 -7.87 -40.66 6.68
CA TYR A 146 -6.62 -40.83 5.93
C TYR A 146 -6.12 -39.44 5.46
N PRO A 147 -4.80 -39.31 5.20
CA PRO A 147 -4.29 -37.99 4.82
C PRO A 147 -4.44 -37.64 3.34
N THR A 148 -4.64 -36.36 3.04
CA THR A 148 -4.63 -35.92 1.65
C THR A 148 -3.22 -36.05 1.08
N VAL A 149 -2.25 -35.58 1.86
CA VAL A 149 -0.86 -35.48 1.44
C VAL A 149 -0.03 -36.54 2.18
N SER A 150 0.77 -37.26 1.43
CA SER A 150 1.53 -38.41 1.94
C SER A 150 2.60 -38.03 2.98
N ALA A 151 3.26 -36.88 2.80
CA ALA A 151 4.30 -36.43 3.72
C ALA A 151 3.99 -35.04 4.23
N ARG A 152 3.87 -34.93 5.55
CA ARG A 152 3.41 -33.70 6.21
C ARG A 152 4.32 -33.37 7.40
N GLY A 153 4.80 -32.14 7.50
CA GLY A 153 5.62 -31.79 8.65
C GLY A 153 6.40 -30.49 8.66
N ILE A 154 7.58 -30.55 9.26
CA ILE A 154 8.30 -29.36 9.59
C ILE A 154 9.70 -29.54 9.07
N VAL A 155 10.28 -28.48 8.50
CA VAL A 155 11.71 -28.38 8.26
C VAL A 155 12.35 -27.35 9.20
N GLU A 156 13.21 -27.81 10.10
CA GLU A 156 13.87 -26.85 10.95
C GLU A 156 14.99 -26.32 10.06
N GLY A 157 14.70 -25.20 9.40
CA GLY A 157 15.52 -24.78 8.28
C GLY A 157 15.81 -23.33 8.31
N PHE A 158 15.80 -22.74 9.48
CA PHE A 158 15.89 -21.30 9.54
C PHE A 158 17.27 -20.86 9.96
N TYR A 159 17.47 -19.55 9.83
CA TYR A 159 18.62 -18.86 10.37
C TYR A 159 18.30 -18.42 11.82
N GLY A 160 19.34 -18.30 12.63
CA GLY A 160 19.19 -17.90 14.04
C GLY A 160 19.42 -19.09 14.94
N THR A 161 19.20 -18.87 16.25
CA THR A 161 19.38 -19.90 17.28
C THR A 161 18.49 -21.10 17.01
N PRO A 162 19.12 -22.27 16.77
CA PRO A 162 18.43 -23.53 16.58
C PRO A 162 17.59 -23.91 17.80
N TRP A 163 16.51 -24.63 17.55
CA TRP A 163 15.73 -25.22 18.61
C TRP A 163 16.64 -26.02 19.54
N THR A 164 16.41 -25.90 20.85
CA THR A 164 17.12 -26.68 21.84
C THR A 164 16.73 -28.15 21.72
N HIS A 165 17.57 -29.01 22.26
CA HIS A 165 17.28 -30.43 22.19
C HIS A 165 15.92 -30.76 22.82
N GLN A 166 15.66 -30.24 24.02
CA GLN A 166 14.35 -30.44 24.67
C GLN A 166 13.16 -29.88 23.86
N ASP A 167 13.31 -28.69 23.26
CA ASP A 167 12.35 -28.15 22.31
C ASP A 167 11.94 -29.15 21.23
N ARG A 168 12.93 -29.79 20.62
CA ARG A 168 12.68 -30.70 19.52
C ARG A 168 11.94 -31.95 19.98
N LEU A 169 12.29 -32.46 21.15
CA LEU A 169 11.63 -33.63 21.72
C LEU A 169 10.14 -33.35 21.94
N ASP A 170 9.86 -32.14 22.41
CA ASP A 170 8.51 -31.67 22.61
C ASP A 170 7.79 -31.45 21.25
N GLN A 171 8.49 -30.89 20.27
CA GLN A 171 7.93 -30.76 18.93
C GLN A 171 7.56 -32.11 18.28
N ILE A 172 8.45 -33.09 18.42
CA ILE A 172 8.24 -34.42 17.82
C ILE A 172 6.99 -35.09 18.41
N LYS A 173 6.84 -35.02 19.74
CA LYS A 173 5.61 -35.49 20.42
C LYS A 173 4.40 -34.81 19.83
N PHE A 174 4.48 -33.48 19.72
CA PHE A 174 3.42 -32.64 19.23
C PHE A 174 3.04 -32.98 17.78
N TYR A 175 4.04 -33.32 16.97
CA TYR A 175 3.77 -33.76 15.59
C TYR A 175 2.95 -35.04 15.54
N GLY A 176 3.27 -35.95 16.47
CA GLY A 176 2.58 -37.24 16.55
C GLY A 176 1.11 -37.05 16.85
N GLU A 177 0.84 -36.21 17.85
CA GLU A 177 -0.51 -35.93 18.31
C GLU A 177 -1.38 -35.33 17.24
N ASN A 178 -0.76 -34.64 16.30
CA ASN A 178 -1.46 -33.96 15.24
C ASN A 178 -1.24 -34.59 13.86
N LYS A 179 -0.74 -35.83 13.86
CA LYS A 179 -0.60 -36.63 12.65
C LYS A 179 0.38 -36.07 11.60
N LEU A 180 1.37 -35.29 12.08
CA LEU A 180 2.47 -34.86 11.22
C LEU A 180 3.52 -35.93 11.23
N ASN A 181 4.01 -36.34 10.05
CA ASN A 181 4.90 -37.52 9.89
C ASN A 181 6.35 -37.20 9.49
N THR A 182 6.67 -35.92 9.28
CA THR A 182 7.98 -35.58 8.74
C THR A 182 8.61 -34.46 9.54
N TYR A 183 9.84 -34.67 9.97
CA TYR A 183 10.61 -33.59 10.59
C TYR A 183 11.98 -33.54 9.93
N ILE A 184 12.31 -32.41 9.31
CA ILE A 184 13.58 -32.25 8.63
C ILE A 184 14.58 -31.48 9.45
N TYR A 185 15.65 -32.14 9.87
CA TYR A 185 16.73 -31.47 10.58
C TYR A 185 17.64 -30.73 9.62
N ALA A 186 17.60 -29.40 9.60
CA ALA A 186 18.39 -28.60 8.67
C ALA A 186 18.67 -27.17 9.15
N PRO A 187 19.16 -27.02 10.37
CA PRO A 187 19.35 -25.68 10.89
C PRO A 187 20.52 -24.97 10.23
N LYS A 188 20.26 -23.86 9.55
CA LYS A 188 21.30 -23.11 8.88
C LYS A 188 22.45 -22.77 9.81
N ASP A 189 22.15 -22.68 11.11
CA ASP A 189 23.18 -22.30 12.07
C ASP A 189 23.73 -23.41 12.97
N ASP A 190 23.45 -24.67 12.61
CA ASP A 190 24.21 -25.80 13.15
C ASP A 190 25.45 -25.95 12.27
N PRO A 191 26.64 -25.64 12.82
CA PRO A 191 27.90 -25.61 12.03
C PRO A 191 28.16 -26.91 11.28
N TYR A 192 27.77 -28.03 11.88
CA TYR A 192 27.99 -29.36 11.28
C TYR A 192 27.00 -29.67 10.17
N HIS A 193 26.00 -28.82 10.02
CA HIS A 193 25.01 -29.00 8.96
C HIS A 193 25.41 -28.26 7.67
N ARG A 194 26.19 -27.19 7.80
CA ARG A 194 26.44 -26.33 6.66
C ARG A 194 27.83 -25.72 6.68
N GLU A 195 28.14 -24.90 7.68
CA GLU A 195 29.44 -24.20 7.71
C GLU A 195 30.62 -25.16 7.72
N LYS A 196 30.47 -26.25 8.47
CA LYS A 196 31.52 -27.25 8.65
C LYS A 196 30.89 -28.59 8.35
N TRP A 197 30.17 -28.63 7.22
CA TRP A 197 29.41 -29.79 6.80
C TRP A 197 30.23 -31.07 6.65
N ARG A 198 31.53 -30.93 6.37
CA ARG A 198 32.44 -32.09 6.23
C ARG A 198 32.77 -32.75 7.55
N GLU A 199 32.68 -31.98 8.64
CA GLU A 199 33.14 -32.42 9.95
C GLU A 199 32.08 -33.23 10.68
N PRO A 200 32.50 -34.34 11.33
CA PRO A 200 31.58 -35.20 12.08
C PRO A 200 31.12 -34.58 13.40
N TYR A 201 29.94 -34.98 13.86
CA TYR A 201 29.39 -34.50 15.11
C TYR A 201 30.25 -34.98 16.28
N PRO A 202 30.50 -34.11 17.26
CA PRO A 202 31.11 -34.52 18.53
C PRO A 202 30.25 -35.60 19.20
N GLU A 203 30.90 -36.53 19.91
CA GLU A 203 30.21 -37.63 20.61
C GLU A 203 28.92 -37.20 21.36
N SER A 204 28.98 -36.13 22.15
CA SER A 204 27.83 -35.66 22.93
C SER A 204 26.60 -35.23 22.09
N GLU A 205 26.81 -34.63 20.92
CA GLU A 205 25.67 -34.30 20.05
C GLU A 205 25.18 -35.57 19.35
N MET A 206 26.08 -36.55 19.16
CA MET A 206 25.68 -37.81 18.54
C MET A 206 24.63 -38.51 19.41
N GLN A 207 24.83 -38.48 20.72
CA GLN A 207 23.91 -39.12 21.66
C GLN A 207 22.54 -38.42 21.77
N ARG A 208 22.56 -37.08 21.73
CA ARG A 208 21.33 -36.29 21.66
C ARG A 208 20.56 -36.55 20.37
N MET A 209 21.28 -36.70 19.26
CA MET A 209 20.69 -37.07 17.97
C MET A 209 19.97 -38.41 18.04
N GLN A 210 20.54 -39.34 18.81
CA GLN A 210 19.99 -40.68 18.97
C GLN A 210 18.61 -40.61 19.64
N GLU A 211 18.49 -39.83 20.71
CA GLU A 211 17.21 -39.57 21.37
C GLU A 211 16.14 -38.99 20.42
N LEU A 212 16.54 -38.12 19.50
CA LEU A 212 15.61 -37.51 18.52
C LEU A 212 15.05 -38.53 17.53
N ILE A 213 15.93 -39.42 17.08
CA ILE A 213 15.59 -40.48 16.14
C ILE A 213 14.72 -41.48 16.85
N ASN A 214 15.05 -41.75 18.11
CA ASN A 214 14.24 -42.64 18.93
C ASN A 214 12.85 -42.05 19.17
N ALA A 215 12.80 -40.77 19.48
CA ALA A 215 11.53 -40.09 19.72
C ALA A 215 10.75 -40.01 18.41
N SER A 216 11.45 -39.82 17.30
CA SER A 216 10.78 -39.77 15.98
C SER A 216 10.10 -41.08 15.63
N ALA A 217 10.78 -42.20 15.85
CA ALA A 217 10.17 -43.52 15.61
C ALA A 217 8.97 -43.79 16.53
N GLU A 218 9.11 -43.42 17.81
CA GLU A 218 8.01 -43.56 18.78
C GLU A 218 6.74 -42.86 18.34
N ASN A 219 6.88 -41.82 17.51
CA ASN A 219 5.74 -40.95 17.12
C ASN A 219 5.37 -41.02 15.62
N LYS A 220 5.88 -42.03 14.93
CA LYS A 220 5.57 -42.27 13.51
C LYS A 220 6.01 -41.12 12.60
N VAL A 221 7.00 -40.37 13.09
CA VAL A 221 7.62 -39.24 12.39
C VAL A 221 8.90 -39.67 11.67
N ASP A 222 9.00 -39.36 10.37
CA ASP A 222 10.24 -39.52 9.62
C ASP A 222 11.26 -38.44 9.89
N PHE A 223 12.31 -38.78 10.64
CA PHE A 223 13.44 -37.88 10.89
C PHE A 223 14.29 -37.84 9.62
N VAL A 224 14.37 -36.67 9.03
CA VAL A 224 15.12 -36.49 7.79
C VAL A 224 16.39 -35.71 8.12
N PHE A 225 17.53 -36.29 7.80
CA PHE A 225 18.77 -35.62 8.15
C PHE A 225 19.23 -34.81 6.97
N GLY A 226 19.28 -33.50 7.17
CA GLY A 226 19.68 -32.59 6.10
C GLY A 226 21.12 -32.15 6.17
N ILE A 227 21.71 -31.93 5.00
CA ILE A 227 23.09 -31.46 4.88
C ILE A 227 23.16 -30.39 3.79
N SER A 228 23.96 -29.36 4.00
CA SER A 228 24.08 -28.29 3.03
C SER A 228 25.54 -28.01 2.72
N PRO A 229 26.06 -28.71 1.70
CA PRO A 229 27.47 -28.62 1.34
C PRO A 229 27.80 -27.49 0.33
N GLY A 230 26.80 -26.72 -0.10
CA GLY A 230 26.92 -25.91 -1.31
C GLY A 230 27.85 -24.71 -1.32
N ILE A 231 28.19 -24.20 -0.14
CA ILE A 231 29.05 -23.02 -0.04
C ILE A 231 30.44 -23.28 -0.61
N ASP A 232 30.98 -24.47 -0.37
CA ASP A 232 32.35 -24.79 -0.76
C ASP A 232 32.62 -26.22 -1.23
N ILE A 233 31.59 -27.02 -1.44
CA ILE A 233 31.82 -28.34 -1.97
C ILE A 233 32.61 -28.28 -3.30
N ARG A 234 33.61 -29.14 -3.43
CA ARG A 234 34.36 -29.25 -4.68
C ARG A 234 33.76 -30.39 -5.48
N PHE A 235 33.80 -30.27 -6.81
CA PHE A 235 33.07 -31.18 -7.68
C PHE A 235 33.95 -32.03 -8.56
N ASP A 236 35.12 -31.52 -8.92
CA ASP A 236 35.96 -32.19 -9.91
C ASP A 236 37.21 -32.83 -9.34
N GLY A 237 37.58 -33.98 -9.90
CA GLY A 237 38.82 -34.67 -9.55
C GLY A 237 38.85 -35.30 -8.16
N ASP A 238 40.04 -35.34 -7.56
CA ASP A 238 40.24 -35.97 -6.26
C ASP A 238 39.57 -35.22 -5.10
N ALA A 239 39.57 -33.88 -5.19
CA ALA A 239 38.87 -33.05 -4.23
C ALA A 239 37.36 -33.31 -4.30
N GLY A 240 36.84 -33.48 -5.52
CA GLY A 240 35.46 -33.89 -5.72
C GLY A 240 35.20 -35.25 -5.12
N GLU A 241 36.17 -36.14 -5.25
CA GLU A 241 36.09 -37.46 -4.65
C GLU A 241 36.15 -37.38 -3.14
N GLU A 242 37.10 -36.60 -2.62
CA GLU A 242 37.24 -36.45 -1.20
C GLU A 242 35.96 -35.86 -0.59
N ASP A 243 35.38 -34.86 -1.26
CA ASP A 243 34.16 -34.22 -0.78
C ASP A 243 32.94 -35.10 -0.88
N PHE A 244 32.78 -35.85 -1.96
CA PHE A 244 31.65 -36.76 -2.04
C PHE A 244 31.71 -37.77 -0.92
N ASN A 245 32.90 -38.26 -0.60
CA ASN A 245 33.03 -39.24 0.49
C ASN A 245 32.74 -38.71 1.89
N HIS A 246 32.86 -37.39 2.05
CA HIS A 246 32.45 -36.73 3.28
C HIS A 246 30.93 -36.79 3.43
N LEU A 247 30.20 -36.49 2.35
CA LEU A 247 28.74 -36.66 2.33
C LEU A 247 28.27 -38.04 2.77
N ILE A 248 28.80 -39.09 2.11
CA ILE A 248 28.51 -40.50 2.42
C ILE A 248 28.86 -40.82 3.87
N THR A 249 30.05 -40.43 4.31
CA THR A 249 30.51 -40.64 5.68
C THR A 249 29.47 -40.08 6.64
N LYS A 250 29.24 -38.77 6.52
CA LYS A 250 28.26 -38.04 7.33
C LYS A 250 26.91 -38.77 7.36
N ALA A 251 26.36 -39.07 6.19
CA ALA A 251 25.11 -39.82 6.07
C ALA A 251 25.14 -41.18 6.79
N GLU A 252 26.22 -41.94 6.61
CA GLU A 252 26.36 -43.26 7.20
C GLU A 252 26.27 -43.20 8.73
N SER A 253 26.91 -42.20 9.32
CA SER A 253 26.98 -42.09 10.78
C SER A 253 25.58 -41.83 11.37
N LEU A 254 24.69 -41.32 10.55
CA LEU A 254 23.33 -41.07 10.97
C LEU A 254 22.43 -42.22 10.65
N TYR A 255 22.71 -42.85 9.50
CA TYR A 255 22.04 -44.06 9.10
C TYR A 255 22.25 -45.16 10.15
N ASP A 256 23.47 -45.22 10.69
CA ASP A 256 23.84 -46.20 11.71
C ASP A 256 23.11 -46.02 13.03
N MET A 257 22.67 -44.79 13.29
CA MET A 257 21.86 -44.48 14.46
C MET A 257 20.37 -44.75 14.21
N GLY A 258 20.00 -45.11 12.99
CA GLY A 258 18.61 -45.39 12.64
C GLY A 258 17.91 -44.44 11.67
N VAL A 259 18.63 -43.42 11.16
CA VAL A 259 18.05 -42.51 10.15
C VAL A 259 17.81 -43.19 8.80
N ARG A 260 16.58 -43.07 8.29
CA ARG A 260 16.23 -43.65 7.00
C ARG A 260 15.77 -42.64 5.93
N SER A 261 15.87 -41.33 6.21
CA SER A 261 15.53 -40.25 5.24
C SER A 261 16.61 -39.19 5.18
N PHE A 262 16.97 -38.75 3.97
CA PHE A 262 18.06 -37.80 3.79
C PHE A 262 17.75 -36.65 2.81
N ALA A 263 18.34 -35.49 3.10
CA ALA A 263 18.23 -34.30 2.25
C ALA A 263 19.59 -33.67 2.02
N ILE A 264 19.82 -33.28 0.77
CA ILE A 264 20.95 -32.44 0.42
C ILE A 264 20.39 -31.17 -0.25
N TYR A 265 20.77 -30.02 0.29
CA TYR A 265 20.20 -28.75 -0.10
C TYR A 265 21.21 -27.83 -0.77
N TRP A 266 20.74 -27.08 -1.76
CA TRP A 266 21.58 -26.18 -2.53
C TRP A 266 21.09 -24.73 -2.49
N ASP A 267 20.30 -24.36 -1.49
CA ASP A 267 19.73 -23.01 -1.40
C ASP A 267 20.74 -21.99 -0.86
N ASP A 268 20.57 -20.74 -1.30
CA ASP A 268 21.25 -19.59 -0.68
C ASP A 268 22.76 -19.66 -0.88
N ILE A 269 23.20 -20.14 -2.06
CA ILE A 269 24.63 -20.19 -2.44
C ILE A 269 24.93 -19.41 -3.74
N GLN A 270 26.19 -19.00 -3.92
CA GLN A 270 26.62 -18.28 -5.14
C GLN A 270 26.85 -19.18 -6.34
N ASP A 271 27.39 -20.37 -6.06
CA ASP A 271 27.62 -21.36 -7.10
C ASP A 271 26.30 -21.82 -7.74
N LYS A 272 26.22 -21.79 -9.06
CA LYS A 272 25.01 -22.22 -9.77
C LYS A 272 25.39 -23.23 -10.85
N SER A 273 26.04 -24.30 -10.42
CA SER A 273 26.44 -25.37 -11.31
C SER A 273 25.35 -26.45 -11.30
N ALA A 274 24.25 -26.19 -11.99
CA ALA A 274 23.09 -27.08 -12.00
C ALA A 274 23.44 -28.55 -12.22
N ALA A 275 24.25 -28.82 -13.26
CA ALA A 275 24.63 -30.19 -13.64
C ALA A 275 25.39 -30.88 -12.53
N LYS A 276 26.24 -30.12 -11.85
CA LYS A 276 27.08 -30.68 -10.81
C LYS A 276 26.30 -30.97 -9.53
N HIS A 277 25.38 -30.06 -9.19
CA HIS A 277 24.41 -30.27 -8.09
C HIS A 277 23.58 -31.51 -8.33
N ALA A 278 22.92 -31.54 -9.47
CA ALA A 278 22.16 -32.72 -9.85
C ALA A 278 23.00 -34.00 -9.82
N GLN A 279 24.26 -33.93 -10.23
CA GLN A 279 25.13 -35.14 -10.31
C GLN A 279 25.58 -35.66 -8.94
N VAL A 280 25.75 -34.75 -7.99
CA VAL A 280 26.02 -35.13 -6.62
C VAL A 280 24.79 -35.88 -6.12
N LEU A 281 23.61 -35.33 -6.36
CA LEU A 281 22.38 -35.95 -5.93
C LEU A 281 22.24 -37.33 -6.54
N ASN A 282 22.49 -37.45 -7.84
CA ASN A 282 22.38 -38.73 -8.56
C ASN A 282 23.31 -39.82 -8.02
N ARG A 283 24.55 -39.45 -7.74
CA ARG A 283 25.56 -40.39 -7.23
C ARG A 283 25.16 -40.86 -5.85
N PHE A 284 24.72 -39.93 -4.99
CA PHE A 284 24.24 -40.25 -3.64
C PHE A 284 23.00 -41.16 -3.67
N ASN A 285 22.11 -40.90 -4.63
CA ASN A 285 20.95 -41.73 -4.88
C ASN A 285 21.35 -43.17 -5.25
N GLU A 286 22.40 -43.32 -6.03
CA GLU A 286 22.83 -44.63 -6.51
C GLU A 286 23.66 -45.37 -5.45
N GLU A 287 24.62 -44.67 -4.86
CA GLU A 287 25.60 -45.30 -3.97
C GLU A 287 25.16 -45.36 -2.51
N PHE A 288 24.13 -44.60 -2.15
CA PHE A 288 23.63 -44.61 -0.79
C PHE A 288 22.17 -45.06 -0.70
N VAL A 289 21.28 -44.38 -1.41
CA VAL A 289 19.85 -44.66 -1.25
C VAL A 289 19.47 -46.06 -1.71
N LYS A 290 19.79 -46.39 -2.97
CA LYS A 290 19.48 -47.70 -3.55
C LYS A 290 20.32 -48.80 -2.93
N ALA A 291 21.60 -48.50 -2.70
CA ALA A 291 22.51 -49.48 -2.11
C ALA A 291 22.09 -49.89 -0.70
N LYS A 292 21.41 -49.00 0.02
CA LYS A 292 20.95 -49.36 1.37
C LYS A 292 19.64 -50.14 1.30
N GLY A 293 18.83 -49.83 0.28
CA GLY A 293 17.59 -50.56 -0.03
C GLY A 293 16.35 -50.25 0.79
N ASP A 294 16.53 -49.72 1.99
CA ASP A 294 15.44 -49.41 2.93
C ASP A 294 15.39 -47.90 3.30
N VAL A 295 16.02 -47.06 2.48
CA VAL A 295 16.08 -45.62 2.67
C VAL A 295 14.99 -44.94 1.82
N LYS A 296 14.33 -43.93 2.37
CA LYS A 296 13.26 -43.20 1.62
C LYS A 296 13.83 -42.34 0.48
N PRO A 297 12.98 -41.88 -0.47
CA PRO A 297 13.50 -41.00 -1.54
C PRO A 297 14.34 -39.80 -1.04
N LEU A 298 15.42 -39.49 -1.75
CA LEU A 298 16.27 -38.33 -1.50
C LEU A 298 15.45 -37.06 -1.68
N ILE A 299 15.67 -36.10 -0.79
CA ILE A 299 15.04 -34.76 -0.83
C ILE A 299 16.14 -33.76 -1.13
N THR A 300 15.78 -32.71 -1.84
CA THR A 300 16.69 -31.64 -2.22
C THR A 300 15.87 -30.38 -2.49
N CYS A 301 16.58 -29.26 -2.58
CA CYS A 301 16.02 -28.11 -3.25
C CYS A 301 17.12 -27.57 -4.15
N PRO A 302 16.74 -27.08 -5.35
CA PRO A 302 17.70 -26.49 -6.30
C PRO A 302 18.15 -25.10 -5.83
N THR A 303 19.18 -24.51 -6.43
CA THR A 303 19.63 -23.18 -6.02
C THR A 303 18.57 -22.13 -6.42
N GLU A 304 17.89 -22.41 -7.53
CA GLU A 304 16.65 -21.70 -7.89
C GLU A 304 15.46 -22.47 -7.35
N TYR A 305 14.79 -21.92 -6.34
CA TYR A 305 13.76 -22.70 -5.65
C TYR A 305 12.42 -22.02 -5.55
N ASP A 306 12.30 -20.83 -6.12
CA ASP A 306 11.00 -20.14 -6.17
C ASP A 306 10.72 -19.75 -7.60
N THR A 307 9.45 -19.64 -7.97
CA THR A 307 9.07 -19.46 -9.36
C THR A 307 9.70 -18.24 -10.00
N GLY A 308 9.76 -17.13 -9.26
CA GLY A 308 10.46 -15.93 -9.71
C GLY A 308 11.90 -16.21 -10.17
N ALA A 309 12.60 -17.11 -9.45
CA ALA A 309 14.00 -17.46 -9.74
C ALA A 309 14.16 -18.58 -10.76
N MET A 310 13.13 -19.41 -10.91
CA MET A 310 13.20 -20.60 -11.75
C MET A 310 12.75 -20.36 -13.18
N VAL A 311 11.82 -19.42 -13.35
CA VAL A 311 11.13 -19.25 -14.62
C VAL A 311 11.23 -17.81 -15.08
N SER A 312 11.55 -17.64 -16.36
CA SER A 312 11.49 -16.34 -16.99
C SER A 312 10.60 -16.50 -18.21
N ASN A 313 9.54 -15.69 -18.29
CA ASN A 313 8.63 -15.70 -19.44
C ASN A 313 8.04 -17.08 -19.75
N GLY A 314 7.47 -17.72 -18.72
CA GLY A 314 6.86 -19.05 -18.85
C GLY A 314 7.80 -20.20 -19.19
N GLN A 315 9.07 -19.87 -19.42
CA GLN A 315 10.11 -20.87 -19.72
C GLN A 315 11.11 -20.96 -18.56
N PRO A 316 11.52 -22.19 -18.20
CA PRO A 316 12.55 -22.36 -17.16
C PRO A 316 13.87 -21.69 -17.53
N ARG A 317 14.45 -20.98 -16.58
CA ARG A 317 15.78 -20.43 -16.78
C ARG A 317 16.85 -21.53 -16.88
N ALA A 318 18.04 -21.13 -17.29
CA ALA A 318 19.12 -22.07 -17.58
C ALA A 318 19.40 -23.05 -16.42
N TYR A 319 19.64 -22.54 -15.21
CA TYR A 319 19.91 -23.44 -14.07
C TYR A 319 18.80 -24.50 -13.88
N THR A 320 17.56 -24.02 -13.71
CA THR A 320 16.40 -24.88 -13.55
C THR A 320 16.27 -25.90 -14.67
N ARG A 321 16.44 -25.44 -15.93
CA ARG A 321 16.33 -26.31 -17.11
C ARG A 321 17.30 -27.46 -17.02
N ILE A 322 18.55 -27.16 -16.67
CA ILE A 322 19.59 -28.18 -16.57
C ILE A 322 19.38 -29.08 -15.38
N PHE A 323 18.95 -28.48 -14.26
CA PHE A 323 18.70 -29.24 -13.04
C PHE A 323 17.58 -30.24 -13.28
N ALA A 324 16.44 -29.73 -13.74
CA ALA A 324 15.27 -30.54 -14.09
C ALA A 324 15.62 -31.70 -14.99
N GLU A 325 16.45 -31.48 -16.02
CA GLU A 325 16.75 -32.58 -16.95
C GLU A 325 17.83 -33.57 -16.46
N THR A 326 18.61 -33.18 -15.46
CA THR A 326 19.67 -34.03 -14.91
C THR A 326 19.25 -34.86 -13.69
N VAL A 327 18.51 -34.25 -12.75
CA VAL A 327 18.20 -34.89 -11.47
C VAL A 327 17.25 -36.09 -11.61
N ASP A 328 17.62 -37.24 -11.04
CA ASP A 328 16.84 -38.49 -11.15
C ASP A 328 15.36 -38.28 -10.78
N PRO A 329 14.45 -39.02 -11.42
CA PRO A 329 13.00 -38.90 -11.23
C PRO A 329 12.47 -39.19 -9.82
N SER A 330 13.14 -40.07 -9.08
CA SER A 330 12.67 -40.48 -7.75
C SER A 330 13.10 -39.53 -6.61
N ILE A 331 13.90 -38.53 -6.93
CA ILE A 331 14.36 -37.55 -5.95
C ILE A 331 13.26 -36.49 -5.74
N GLU A 332 12.93 -36.22 -4.48
CA GLU A 332 11.97 -35.16 -4.11
C GLU A 332 12.59 -33.76 -4.16
N VAL A 333 11.92 -32.86 -4.89
CA VAL A 333 12.43 -31.51 -5.10
C VAL A 333 11.48 -30.56 -4.41
N MET A 334 12.03 -29.70 -3.55
CA MET A 334 11.25 -28.71 -2.83
C MET A 334 11.33 -27.39 -3.56
N TRP A 335 10.25 -26.62 -3.42
CA TRP A 335 10.24 -25.24 -3.84
C TRP A 335 9.26 -24.48 -2.95
N THR A 336 9.34 -23.15 -2.96
CA THR A 336 8.70 -22.33 -1.95
C THR A 336 7.45 -21.66 -2.46
N GLY A 337 7.20 -21.78 -3.77
CA GLY A 337 6.05 -21.14 -4.41
C GLY A 337 6.47 -20.10 -5.43
N PRO A 338 5.57 -19.13 -5.72
CA PRO A 338 5.86 -18.03 -6.67
C PRO A 338 7.03 -17.13 -6.25
N GLY A 339 7.27 -17.07 -4.94
CA GLY A 339 8.36 -16.30 -4.33
C GLY A 339 8.93 -17.04 -3.14
N VAL A 340 9.98 -16.50 -2.54
CA VAL A 340 10.61 -17.14 -1.36
C VAL A 340 9.66 -17.08 -0.15
N VAL A 341 9.15 -15.89 0.15
CA VAL A 341 8.07 -15.70 1.13
C VAL A 341 6.93 -14.95 0.42
N THR A 342 5.88 -15.70 0.02
CA THR A 342 4.80 -15.18 -0.87
C THR A 342 3.44 -15.26 -0.23
N ASN A 343 2.52 -14.47 -0.76
CA ASN A 343 1.15 -14.50 -0.28
C ASN A 343 0.46 -15.85 -0.47
N GLU A 344 0.81 -16.53 -1.55
CA GLU A 344 -0.03 -17.57 -2.10
C GLU A 344 0.72 -18.64 -2.88
N ILE A 345 0.17 -19.84 -2.92
CA ILE A 345 0.51 -20.78 -3.97
C ILE A 345 -0.75 -21.16 -4.72
N PRO A 346 -1.00 -20.47 -5.84
CA PRO A 346 -2.17 -20.84 -6.59
C PRO A 346 -1.90 -22.13 -7.34
N LEU A 347 -2.95 -22.77 -7.84
CA LEU A 347 -2.81 -24.07 -8.46
C LEU A 347 -1.92 -23.98 -9.71
N SER A 348 -2.10 -22.89 -10.48
CA SER A 348 -1.36 -22.67 -11.72
C SER A 348 0.16 -22.58 -11.52
N ASP A 349 0.59 -22.15 -10.35
CA ASP A 349 2.03 -22.15 -9.99
C ASP A 349 2.56 -23.56 -9.76
N ALA A 350 1.79 -24.39 -9.05
CA ALA A 350 2.18 -25.78 -8.82
C ALA A 350 2.16 -26.57 -10.11
N GLN A 351 1.15 -26.33 -10.95
CA GLN A 351 1.03 -26.93 -12.26
C GLN A 351 2.26 -26.61 -13.12
N LEU A 352 2.69 -25.34 -13.07
CA LEU A 352 3.83 -24.87 -13.84
C LEU A 352 5.13 -25.56 -13.45
N ILE A 353 5.38 -25.64 -12.14
CA ILE A 353 6.65 -26.13 -11.61
C ILE A 353 6.69 -27.67 -11.67
N SER A 354 5.53 -28.28 -11.47
CA SER A 354 5.38 -29.72 -11.60
C SER A 354 5.70 -30.21 -13.03
N GLY A 355 5.20 -29.48 -14.01
CA GLY A 355 5.41 -29.77 -15.43
C GLY A 355 6.83 -29.51 -15.88
N ILE A 356 7.47 -28.49 -15.31
CA ILE A 356 8.90 -28.30 -15.55
C ILE A 356 9.71 -29.49 -15.02
N TYR A 357 9.37 -29.97 -13.83
CA TYR A 357 10.07 -31.09 -13.20
C TYR A 357 9.47 -32.48 -13.53
N ASP A 358 8.30 -32.49 -14.18
CA ASP A 358 7.64 -33.76 -14.58
C ASP A 358 7.58 -34.77 -13.42
N ARG A 359 7.14 -34.28 -12.26
CA ARG A 359 6.96 -35.08 -11.03
C ARG A 359 6.08 -34.25 -10.09
N ASN A 360 5.51 -34.92 -9.08
CA ASN A 360 4.88 -34.23 -7.95
C ASN A 360 5.90 -33.56 -7.08
N MET A 361 5.64 -32.30 -6.75
CA MET A 361 6.60 -31.41 -6.10
C MET A 361 6.52 -31.47 -4.57
N ALA A 362 7.59 -31.02 -3.91
CA ALA A 362 7.59 -30.85 -2.47
C ALA A 362 7.59 -29.34 -2.16
N VAL A 363 6.91 -28.95 -1.08
CA VAL A 363 6.79 -27.52 -0.74
C VAL A 363 7.55 -27.28 0.53
N TRP A 364 8.43 -26.27 0.49
CA TRP A 364 9.05 -25.71 1.70
C TRP A 364 8.33 -24.37 1.93
N TRP A 365 7.34 -24.33 2.81
CA TRP A 365 6.58 -23.09 3.02
C TRP A 365 7.18 -22.19 4.10
N ASN A 366 7.64 -21.01 3.72
CA ASN A 366 8.33 -20.13 4.63
C ASN A 366 7.35 -19.31 5.44
N TYR A 367 6.60 -19.99 6.29
CA TYR A 367 5.71 -19.36 7.26
C TYR A 367 5.43 -20.50 8.23
N PRO A 368 5.55 -20.25 9.55
CA PRO A 368 5.69 -18.97 10.30
C PRO A 368 7.12 -18.44 10.52
N VAL A 369 8.12 -18.95 9.79
CA VAL A 369 9.50 -18.50 9.95
C VAL A 369 9.58 -16.97 9.98
N THR A 370 10.40 -16.44 10.92
CA THR A 370 10.55 -14.98 11.10
C THR A 370 12.02 -14.50 11.08
N ASP A 371 12.94 -15.38 10.65
CA ASP A 371 14.36 -15.05 10.65
C ASP A 371 14.72 -13.78 9.89
N TYR A 372 13.86 -13.41 8.95
CA TYR A 372 14.09 -12.28 8.08
C TYR A 372 13.48 -10.99 8.67
N PHE A 373 12.66 -11.13 9.70
CA PHE A 373 11.96 -9.99 10.34
C PHE A 373 11.68 -10.35 11.80
N LYS A 374 12.76 -10.54 12.56
CA LYS A 374 12.70 -11.21 13.87
C LYS A 374 11.78 -10.61 14.92
N GLY A 375 11.50 -9.32 14.79
CA GLY A 375 10.70 -8.65 15.79
C GLY A 375 9.25 -9.06 15.85
N LYS A 376 8.72 -9.58 14.75
CA LYS A 376 7.29 -9.94 14.70
C LYS A 376 7.15 -11.42 14.94
N LEU A 377 6.10 -11.80 15.66
CA LEU A 377 5.77 -13.20 15.84
C LEU A 377 4.75 -13.57 14.78
N ALA A 378 4.92 -14.73 14.16
CA ALA A 378 3.99 -15.10 13.11
C ALA A 378 3.03 -16.13 13.67
N LEU A 379 1.80 -15.68 13.92
CA LEU A 379 0.84 -16.41 14.75
C LEU A 379 -0.47 -16.75 14.01
N GLY A 380 -0.43 -16.76 12.69
CA GLY A 380 -1.62 -17.05 11.90
C GLY A 380 -1.68 -18.45 11.29
N PRO A 381 -2.79 -18.74 10.57
CA PRO A 381 -3.01 -20.05 9.96
C PRO A 381 -2.24 -20.14 8.67
N MET A 382 -2.08 -21.37 8.17
CA MET A 382 -1.80 -21.62 6.75
C MET A 382 -2.75 -20.79 5.92
N HIS A 383 -2.21 -19.89 5.09
CA HIS A 383 -3.03 -18.92 4.38
C HIS A 383 -2.46 -18.67 2.99
N GLY A 384 -3.30 -18.80 1.98
CA GLY A 384 -2.93 -18.54 0.60
C GLY A 384 -2.69 -19.79 -0.24
N LEU A 385 -2.74 -20.95 0.40
CA LEU A 385 -2.44 -22.22 -0.27
C LEU A 385 -3.69 -22.83 -0.95
N ASP A 386 -3.57 -23.12 -2.24
CA ASP A 386 -4.69 -23.68 -2.98
C ASP A 386 -5.20 -24.94 -2.31
N LYS A 387 -6.52 -25.07 -2.23
CA LYS A 387 -7.13 -26.30 -1.77
C LYS A 387 -7.09 -27.50 -2.72
N GLY A 388 -6.55 -27.30 -3.92
CA GLY A 388 -6.31 -28.43 -4.84
C GLY A 388 -4.83 -28.70 -5.09
N LEU A 389 -3.96 -28.13 -4.25
CA LEU A 389 -2.50 -28.26 -4.35
C LEU A 389 -1.99 -29.70 -4.42
N ASN A 390 -2.71 -30.60 -3.77
CA ASN A 390 -2.39 -32.02 -3.76
C ASN A 390 -2.33 -32.68 -5.14
N GLN A 391 -2.95 -32.04 -6.14
CA GLN A 391 -2.87 -32.53 -7.52
C GLN A 391 -1.41 -32.57 -8.00
N TYR A 392 -0.60 -31.61 -7.58
CA TYR A 392 0.80 -31.48 -7.99
C TYR A 392 1.85 -31.55 -6.87
N VAL A 393 1.43 -31.70 -5.62
CA VAL A 393 2.33 -31.69 -4.46
C VAL A 393 2.06 -32.96 -3.64
N ASP A 394 3.13 -33.64 -3.24
CA ASP A 394 3.03 -34.89 -2.47
C ASP A 394 3.70 -34.81 -1.10
N PHE A 395 4.27 -33.65 -0.80
CA PHE A 395 5.14 -33.51 0.34
C PHE A 395 5.06 -32.05 0.77
N PHE A 396 4.51 -31.80 1.95
CA PHE A 396 4.26 -30.44 2.39
C PHE A 396 4.87 -30.16 3.76
N THR A 397 5.82 -29.22 3.84
CA THR A 397 6.46 -28.88 5.13
C THR A 397 6.45 -27.37 5.33
N VAL A 398 6.48 -26.95 6.59
CA VAL A 398 6.65 -25.56 6.92
C VAL A 398 7.97 -25.30 7.64
N ASN A 399 8.58 -24.17 7.32
CA ASN A 399 9.70 -23.64 8.05
C ASN A 399 9.11 -22.78 9.18
N PRO A 400 9.38 -23.15 10.45
CA PRO A 400 8.86 -22.45 11.64
C PRO A 400 9.74 -21.30 12.12
N MET A 401 9.37 -20.70 13.27
CA MET A 401 10.15 -19.66 13.93
C MET A 401 11.15 -20.32 14.87
N GLU A 402 12.21 -19.60 15.21
CA GLU A 402 13.16 -20.04 16.23
C GLU A 402 12.46 -20.18 17.59
N HIS A 403 11.23 -19.67 17.65
CA HIS A 403 10.34 -19.68 18.83
C HIS A 403 9.44 -20.89 18.70
N ALA A 404 9.83 -21.97 19.37
CA ALA A 404 9.30 -23.27 19.09
C ALA A 404 7.87 -23.44 19.58
N GLU A 405 7.59 -22.85 20.75
CA GLU A 405 6.28 -22.99 21.41
C GLU A 405 5.20 -22.22 20.68
N LEU A 406 5.46 -20.96 20.33
CA LEU A 406 4.50 -20.15 19.59
C LEU A 406 4.30 -20.56 18.16
N SER A 407 5.26 -21.30 17.60
CA SER A 407 5.12 -21.87 16.24
C SER A 407 4.03 -22.93 16.15
N LYS A 408 3.55 -23.38 17.29
CA LYS A 408 2.59 -24.50 17.32
C LYS A 408 1.23 -24.11 16.77
N ILE A 409 0.90 -22.83 16.86
CA ILE A 409 -0.41 -22.35 16.42
C ILE A 409 -0.58 -22.56 14.93
N SER A 410 0.44 -22.13 14.22
CA SER A 410 0.47 -22.22 12.79
C SER A 410 0.75 -23.65 12.35
N ILE A 411 1.62 -24.35 13.06
CA ILE A 411 1.92 -25.74 12.73
C ILE A 411 0.66 -26.61 12.85
N HIS A 412 -0.10 -26.34 13.92
CA HIS A 412 -1.39 -26.96 14.14
C HIS A 412 -2.29 -26.82 12.92
N THR A 413 -2.37 -25.62 12.33
CA THR A 413 -3.19 -25.43 11.12
C THR A 413 -2.60 -26.15 9.90
N ALA A 414 -1.27 -26.20 9.81
CA ALA A 414 -0.60 -26.93 8.74
C ALA A 414 -0.96 -28.42 8.77
N ALA A 415 -1.16 -28.95 9.99
CA ALA A 415 -1.47 -30.34 10.19
C ALA A 415 -2.86 -30.60 9.65
N ASP A 416 -3.79 -29.69 9.93
CA ASP A 416 -5.14 -29.75 9.34
C ASP A 416 -5.16 -29.56 7.81
N TYR A 417 -4.39 -28.61 7.30
CA TYR A 417 -4.35 -28.37 5.86
C TYR A 417 -3.78 -29.58 5.10
N SER A 418 -2.70 -30.18 5.59
CA SER A 418 -2.07 -31.27 4.82
C SER A 418 -2.84 -32.61 4.87
N TRP A 419 -3.45 -32.87 6.02
CA TRP A 419 -4.28 -34.06 6.22
C TRP A 419 -5.64 -33.97 5.54
N ASN A 420 -6.34 -32.86 5.70
CA ASN A 420 -7.67 -32.71 5.11
C ASN A 420 -7.80 -31.43 4.30
N MET A 421 -7.10 -31.44 3.18
CA MET A 421 -6.91 -30.24 2.38
C MET A 421 -8.19 -29.63 1.86
N ASP A 422 -9.07 -30.50 1.37
CA ASP A 422 -10.29 -30.07 0.68
C ASP A 422 -11.28 -29.32 1.57
N ASN A 423 -11.26 -29.59 2.86
CA ASN A 423 -12.20 -28.95 3.77
C ASN A 423 -11.59 -27.90 4.71
N TYR A 424 -10.34 -27.55 4.43
CA TYR A 424 -9.57 -26.63 5.26
C TYR A 424 -10.10 -25.20 5.21
N ASP A 425 -10.49 -24.71 6.38
CA ASP A 425 -11.03 -23.38 6.51
C ASP A 425 -10.08 -22.66 7.46
N TYR A 426 -9.25 -21.77 6.92
CA TYR A 426 -8.18 -21.13 7.68
C TYR A 426 -8.64 -20.49 8.97
N ASP A 427 -9.74 -19.75 8.91
CA ASP A 427 -10.29 -19.09 10.08
C ASP A 427 -10.74 -20.04 11.17
N LYS A 428 -11.38 -21.14 10.79
CA LYS A 428 -11.82 -22.13 11.75
C LYS A 428 -10.65 -22.93 12.33
N ALA A 429 -9.66 -23.22 11.49
CA ALA A 429 -8.48 -23.96 11.94
C ALA A 429 -7.65 -23.08 12.87
N TRP A 430 -7.69 -21.77 12.64
CA TRP A 430 -6.95 -20.86 13.48
C TRP A 430 -7.57 -20.85 14.86
N ASN A 431 -8.88 -20.67 14.94
CA ASN A 431 -9.59 -20.65 16.22
C ASN A 431 -9.44 -21.98 16.96
N ARG A 432 -9.54 -23.09 16.23
CA ARG A 432 -9.45 -24.41 16.82
C ARG A 432 -8.03 -24.63 17.36
N ALA A 433 -7.05 -24.08 16.67
CA ALA A 433 -5.67 -24.23 17.08
C ALA A 433 -5.44 -23.55 18.43
N ILE A 434 -5.93 -22.33 18.60
CA ILE A 434 -5.73 -21.59 19.84
C ILE A 434 -6.56 -22.17 20.99
N ASP A 435 -7.79 -22.57 20.68
CA ASP A 435 -8.63 -23.31 21.62
C ASP A 435 -7.96 -24.57 22.15
N MET A 436 -7.42 -25.38 21.26
CA MET A 436 -6.84 -26.66 21.67
C MET A 436 -5.52 -26.49 22.41
N LEU A 437 -4.78 -25.45 22.03
CA LEU A 437 -3.49 -25.14 22.63
C LEU A 437 -3.56 -24.33 23.92
N TYR A 438 -4.58 -23.48 24.07
CA TYR A 438 -4.51 -22.47 25.12
C TYR A 438 -5.48 -22.60 26.29
N GLY A 439 -6.50 -23.44 26.13
CA GLY A 439 -7.35 -23.80 27.25
C GLY A 439 -8.11 -22.59 27.73
N ASP A 440 -8.09 -22.36 29.03
CA ASP A 440 -8.82 -21.22 29.60
C ASP A 440 -8.26 -19.86 29.15
N LEU A 441 -7.10 -19.86 28.50
CA LEU A 441 -6.52 -18.62 27.99
C LEU A 441 -6.79 -18.35 26.49
N ALA A 442 -7.60 -19.20 25.84
CA ALA A 442 -7.75 -19.13 24.37
C ALA A 442 -8.37 -17.83 23.87
N GLU A 443 -9.43 -17.36 24.53
CA GLU A 443 -10.08 -16.14 24.07
C GLU A 443 -9.12 -14.95 24.11
N ASP A 444 -8.35 -14.83 25.20
CA ASP A 444 -7.39 -13.74 25.32
C ASP A 444 -6.24 -13.91 24.33
N MET A 445 -5.73 -15.12 24.20
CA MET A 445 -4.66 -15.40 23.23
C MET A 445 -5.14 -15.13 21.79
N LYS A 446 -6.40 -15.41 21.51
CA LYS A 446 -7.00 -14.99 20.25
C LYS A 446 -6.91 -13.48 19.97
N VAL A 447 -7.18 -12.65 20.96
CA VAL A 447 -7.12 -11.20 20.78
C VAL A 447 -5.70 -10.75 20.40
N PHE A 448 -4.72 -11.28 21.12
CA PHE A 448 -3.35 -10.97 20.88
C PHE A 448 -2.88 -11.49 19.52
N ALA A 449 -2.96 -12.80 19.33
CA ALA A 449 -2.50 -13.45 18.10
C ALA A 449 -3.14 -12.91 16.82
N ASN A 450 -4.40 -12.49 16.91
CA ASN A 450 -5.12 -11.86 15.80
C ASN A 450 -4.43 -10.64 15.18
N HIS A 451 -3.68 -9.90 16.02
CA HIS A 451 -2.90 -8.73 15.59
C HIS A 451 -1.52 -9.06 15.11
N SER A 452 -1.22 -10.35 14.96
CA SER A 452 0.15 -10.77 14.68
C SER A 452 0.23 -11.95 13.72
N THR A 453 -0.51 -11.87 12.61
CA THR A 453 -0.54 -12.95 11.63
C THR A 453 0.19 -12.63 10.30
N ARG A 454 0.15 -11.36 9.91
CA ARG A 454 0.74 -10.86 8.66
C ARG A 454 2.25 -10.59 8.71
N MET A 455 2.99 -11.15 7.79
CA MET A 455 4.43 -10.85 7.77
C MET A 455 4.77 -10.07 6.53
N ASP A 456 5.52 -8.98 6.69
CA ASP A 456 5.87 -8.09 5.61
C ASP A 456 7.15 -7.33 6.03
N ASN A 457 8.27 -7.58 5.33
CA ASN A 457 9.53 -6.82 5.54
C ASN A 457 9.61 -5.57 4.67
N LYS A 458 8.51 -5.23 4.03
CA LYS A 458 8.37 -4.04 3.18
C LYS A 458 9.11 -4.13 1.86
N THR A 459 9.80 -5.24 1.61
CA THR A 459 10.42 -5.44 0.30
C THR A 459 10.05 -6.79 -0.26
N TRP A 460 10.94 -7.75 -0.20
CA TRP A 460 10.78 -8.98 -0.91
C TRP A 460 9.89 -10.03 -0.21
N ALA A 461 9.68 -9.89 1.09
CA ALA A 461 9.02 -10.93 1.89
C ALA A 461 7.68 -10.53 2.45
N LYS A 462 6.63 -11.27 2.07
CA LYS A 462 5.26 -11.01 2.54
C LYS A 462 4.38 -12.24 2.42
N SER A 463 3.64 -12.53 3.51
CA SER A 463 2.83 -13.73 3.66
C SER A 463 2.00 -13.68 4.95
N GLY A 464 0.85 -14.33 4.93
CA GLY A 464 -0.02 -14.41 6.09
C GLY A 464 -1.35 -13.71 5.91
N ARG A 465 -2.33 -14.13 6.68
CA ARG A 465 -3.57 -13.42 6.78
C ARG A 465 -3.27 -11.99 7.25
N GLU A 466 -4.03 -10.99 6.77
CA GLU A 466 -3.92 -9.62 7.28
C GLU A 466 -4.19 -9.60 8.80
N ASP A 467 -3.49 -8.74 9.54
CA ASP A 467 -3.68 -8.58 10.99
C ASP A 467 -5.09 -8.00 11.22
N ALA A 468 -5.76 -8.48 12.26
CA ALA A 468 -7.07 -7.96 12.74
C ALA A 468 -7.94 -7.25 11.67
N PRO A 469 -8.52 -8.04 10.73
CA PRO A 469 -9.24 -7.42 9.58
C PRO A 469 -10.56 -6.78 9.95
N GLU A 470 -11.30 -7.37 10.88
CA GLU A 470 -12.56 -6.80 11.36
C GLU A 470 -12.30 -5.42 11.96
N LEU A 471 -11.27 -5.31 12.80
CA LEU A 471 -10.93 -4.05 13.45
C LEU A 471 -10.47 -3.02 12.44
N ARG A 472 -9.64 -3.47 11.49
CA ARG A 472 -9.21 -2.64 10.37
C ARG A 472 -10.40 -2.05 9.65
N ALA A 473 -11.41 -2.85 9.33
CA ALA A 473 -12.61 -2.36 8.66
C ALA A 473 -13.42 -1.35 9.48
N LYS A 474 -13.40 -1.48 10.80
CA LYS A 474 -14.03 -0.49 11.66
C LYS A 474 -13.28 0.84 11.65
N MET A 475 -11.95 0.77 11.54
CA MET A 475 -11.13 1.96 11.52
C MET A 475 -11.41 2.75 10.25
N ASP A 476 -11.37 2.04 9.11
CA ASP A 476 -11.72 2.63 7.82
C ASP A 476 -13.10 3.28 7.83
N GLU A 477 -14.05 2.65 8.50
CA GLU A 477 -15.40 3.23 8.54
C GLU A 477 -15.42 4.50 9.38
N LEU A 478 -14.61 4.56 10.44
CA LEU A 478 -14.46 5.78 11.24
C LEU A 478 -13.98 6.96 10.38
N TRP A 479 -12.87 6.77 9.66
CA TRP A 479 -12.36 7.80 8.76
C TRP A 479 -13.36 8.19 7.70
N ASN A 480 -14.02 7.18 7.12
CA ASN A 480 -15.12 7.43 6.18
C ASN A 480 -16.27 8.32 6.73
N LYS A 481 -16.74 8.01 7.94
CA LYS A 481 -17.76 8.82 8.62
C LYS A 481 -17.26 10.23 8.94
N LEU A 482 -16.07 10.32 9.49
CA LEU A 482 -15.52 11.61 9.91
C LEU A 482 -15.27 12.54 8.72
N SER A 483 -14.74 12.00 7.63
CA SER A 483 -14.49 12.79 6.44
C SER A 483 -15.76 13.18 5.68
N SER A 484 -16.85 12.44 5.90
CA SER A 484 -18.16 12.71 5.33
C SER A 484 -18.94 13.61 6.28
N LYS A 485 -18.32 13.89 7.42
CA LYS A 485 -18.88 14.74 8.45
C LYS A 485 -20.27 14.23 8.91
N GLU A 486 -20.31 12.93 9.17
CA GLU A 486 -21.45 12.23 9.71
C GLU A 486 -21.17 11.87 11.19
N ASP A 487 -22.22 11.68 11.99
CA ASP A 487 -22.02 11.38 13.39
C ASP A 487 -21.31 10.03 13.52
N ALA A 488 -20.34 9.98 14.41
CA ALA A 488 -19.48 8.81 14.50
C ALA A 488 -19.35 8.32 15.92
N SER A 489 -20.23 8.79 16.80
CA SER A 489 -20.01 8.55 18.22
C SER A 489 -20.29 7.10 18.69
N ALA A 490 -21.14 6.38 17.96
CA ALA A 490 -21.43 4.99 18.27
C ALA A 490 -20.22 4.14 17.90
N LEU A 491 -19.64 4.41 16.74
CA LEU A 491 -18.44 3.74 16.29
C LEU A 491 -17.22 4.09 17.15
N ILE A 492 -17.13 5.35 17.58
CA ILE A 492 -16.07 5.74 18.51
C ILE A 492 -16.21 5.00 19.86
N GLU A 493 -17.44 4.87 20.38
CA GLU A 493 -17.67 4.20 21.66
C GLU A 493 -17.22 2.76 21.52
N GLU A 494 -17.58 2.17 20.41
CA GLU A 494 -17.24 0.82 20.03
C GLU A 494 -15.71 0.55 19.89
N LEU A 495 -14.96 1.53 19.36
CA LEU A 495 -13.49 1.37 19.22
C LEU A 495 -12.80 1.50 20.59
N TYR A 496 -13.30 2.35 21.49
CA TYR A 496 -12.85 2.31 22.88
C TYR A 496 -12.93 0.90 23.48
N GLY A 497 -14.04 0.21 23.20
CA GLY A 497 -14.27 -1.14 23.69
C GLY A 497 -13.21 -2.09 23.17
N GLU A 498 -12.93 -2.00 21.88
CA GLU A 498 -11.89 -2.80 21.25
C GLU A 498 -10.50 -2.53 21.84
N PHE A 499 -10.12 -1.26 21.97
CA PHE A 499 -8.80 -0.95 22.49
C PHE A 499 -8.62 -1.36 23.96
N ALA A 500 -9.68 -1.21 24.76
CA ALA A 500 -9.67 -1.69 26.14
C ALA A 500 -9.63 -3.22 26.24
N ARG A 501 -10.29 -3.89 25.30
CA ARG A 501 -10.23 -5.34 25.20
C ARG A 501 -8.82 -5.83 24.88
N MET A 502 -8.15 -5.21 23.91
CA MET A 502 -6.74 -5.56 23.59
C MET A 502 -5.86 -5.50 24.81
N GLU A 503 -5.93 -4.38 25.52
CA GLU A 503 -5.09 -4.15 26.67
C GLU A 503 -5.36 -5.18 27.79
N GLU A 504 -6.64 -5.48 28.05
CA GLU A 504 -7.01 -6.45 29.10
C GLU A 504 -6.52 -7.86 28.79
N ALA A 505 -6.75 -8.29 27.55
CA ALA A 505 -6.26 -9.56 27.04
C ALA A 505 -4.75 -9.74 27.24
N CYS A 506 -3.96 -8.71 26.90
CA CYS A 506 -2.48 -8.80 27.00
C CYS A 506 -2.00 -8.85 28.46
N ASN A 507 -2.69 -8.10 29.31
CA ASN A 507 -2.42 -8.06 30.72
C ASN A 507 -2.72 -9.39 31.40
N ASN A 508 -3.86 -9.97 31.07
CA ASN A 508 -4.22 -11.29 31.54
C ASN A 508 -3.21 -12.31 31.03
N LEU A 509 -2.76 -12.15 29.78
CA LEU A 509 -1.77 -13.05 29.20
C LEU A 509 -0.41 -12.95 29.89
N LYS A 510 0.02 -11.73 30.21
CA LYS A 510 1.24 -11.48 30.99
C LYS A 510 1.17 -12.11 32.39
N ALA A 511 -0.01 -12.06 32.99
CA ALA A 511 -0.21 -12.59 34.35
C ALA A 511 -0.38 -14.12 34.35
N ASN A 512 -0.90 -14.70 33.26
CA ASN A 512 -1.28 -16.12 33.32
C ASN A 512 -0.65 -17.06 32.28
N LEU A 513 -0.06 -16.56 31.21
CA LEU A 513 0.62 -17.48 30.30
C LEU A 513 1.68 -18.30 31.05
N PRO A 514 1.80 -19.60 30.71
CA PRO A 514 2.90 -20.41 31.21
C PRO A 514 4.20 -19.80 30.71
N GLU A 515 5.25 -19.90 31.53
CA GLU A 515 6.57 -19.36 31.19
C GLU A 515 7.01 -19.76 29.78
N VAL A 516 6.72 -20.99 29.37
CA VAL A 516 7.25 -21.50 28.12
C VAL A 516 6.78 -20.66 26.93
N ALA A 517 5.53 -20.21 27.01
CA ALA A 517 4.97 -19.30 26.01
C ALA A 517 5.38 -17.86 26.30
N LEU A 518 5.37 -17.48 27.57
CA LEU A 518 5.60 -16.09 27.96
C LEU A 518 7.00 -15.60 27.60
N GLU A 519 8.01 -16.45 27.76
CA GLU A 519 9.38 -16.08 27.41
C GLU A 519 9.51 -15.72 25.92
N GLU A 520 8.70 -16.36 25.05
CA GLU A 520 8.73 -16.07 23.60
C GLU A 520 7.94 -14.81 23.16
N CYS A 521 7.03 -14.29 23.99
CA CYS A 521 6.18 -13.18 23.52
C CYS A 521 6.02 -11.97 24.42
N SER A 522 6.71 -11.91 25.54
CA SER A 522 6.46 -10.81 26.48
C SER A 522 6.64 -9.42 25.86
N ARG A 523 7.66 -9.26 25.02
CA ARG A 523 7.95 -7.96 24.40
C ARG A 523 6.84 -7.56 23.44
N GLN A 524 6.33 -8.52 22.69
CA GLN A 524 5.26 -8.23 21.76
C GLN A 524 3.95 -7.92 22.48
N LEU A 525 3.76 -8.53 23.65
CA LEU A 525 2.60 -8.24 24.51
C LEU A 525 2.66 -6.79 24.96
N ASP A 526 3.84 -6.36 25.40
CA ASP A 526 4.08 -4.97 25.80
C ASP A 526 3.82 -3.97 24.67
N GLU A 527 4.38 -4.23 23.48
CA GLU A 527 4.08 -3.49 22.25
C GLU A 527 2.60 -3.27 21.99
N LEU A 528 1.83 -4.35 22.05
CA LEU A 528 0.39 -4.25 21.76
C LEU A 528 -0.35 -3.39 22.82
N ILE A 529 0.04 -3.51 24.07
CA ILE A 529 -0.51 -2.67 25.15
C ILE A 529 -0.25 -1.20 24.85
N THR A 530 1.00 -0.90 24.56
CA THR A 530 1.41 0.44 24.10
C THR A 530 0.55 0.96 22.96
N LEU A 531 0.41 0.16 21.92
CA LEU A 531 -0.32 0.59 20.73
C LEU A 531 -1.78 0.79 21.07
N ALA A 532 -2.33 -0.10 21.89
CA ALA A 532 -3.72 0.04 22.39
C ALA A 532 -3.93 1.33 23.16
N GLN A 533 -2.96 1.66 24.02
CA GLN A 533 -2.97 2.90 24.75
C GLN A 533 -2.92 4.10 23.82
N GLY A 534 -2.12 3.97 22.77
CA GLY A 534 -1.97 5.06 21.79
C GLY A 534 -3.15 5.16 20.86
N ASP A 535 -3.77 4.00 20.58
CA ASP A 535 -5.07 3.94 19.91
C ASP A 535 -6.21 4.64 20.70
N LYS A 536 -6.30 4.36 21.98
CA LYS A 536 -7.26 5.02 22.85
C LYS A 536 -7.02 6.54 22.89
N ALA A 537 -5.76 6.94 23.07
CA ALA A 537 -5.43 8.36 23.09
C ALA A 537 -5.72 9.10 21.77
N SER A 538 -5.55 8.38 20.65
CA SER A 538 -5.90 8.88 19.35
C SER A 538 -7.40 9.13 19.25
N LEU A 539 -8.20 8.24 19.82
CA LEU A 539 -9.64 8.50 19.98
C LEU A 539 -9.93 9.76 20.80
N ASP A 540 -9.30 9.88 21.96
CA ASP A 540 -9.48 11.06 22.81
C ASP A 540 -9.18 12.32 22.02
N MET A 541 -8.17 12.22 21.16
CA MET A 541 -7.68 13.30 20.32
C MET A 541 -8.70 13.73 19.27
N ILE A 542 -9.26 12.76 18.54
CA ILE A 542 -10.41 13.02 17.65
C ILE A 542 -11.64 13.63 18.38
N VAL A 543 -12.06 13.01 19.49
CA VAL A 543 -13.21 13.50 20.24
C VAL A 543 -13.02 14.97 20.62
N ALA A 544 -11.79 15.33 20.98
CA ALA A 544 -11.46 16.71 21.43
C ALA A 544 -11.61 17.74 20.31
N GLN A 545 -11.24 17.37 19.09
CA GLN A 545 -11.34 18.19 17.89
C GLN A 545 -12.80 18.42 17.51
N LEU A 546 -13.58 17.33 17.58
CA LEU A 546 -15.03 17.39 17.42
C LEU A 546 -15.70 18.26 18.48
N ASN A 547 -15.14 18.25 19.70
CA ASN A 547 -15.67 19.06 20.79
C ASN A 547 -15.06 20.46 20.80
N GLU A 548 -14.15 20.71 19.85
CA GLU A 548 -13.33 21.94 19.80
C GLU A 548 -12.67 22.30 21.15
N ASP A 549 -12.15 21.29 21.84
CA ASP A 549 -11.38 21.46 23.06
C ASP A 549 -9.88 21.36 22.77
N THR A 550 -9.23 22.52 22.65
CA THR A 550 -7.81 22.63 22.31
C THR A 550 -6.88 21.97 23.33
N GLU A 551 -7.21 22.14 24.60
CA GLU A 551 -6.40 21.68 25.70
C GLU A 551 -6.37 20.16 25.71
N ALA A 552 -7.55 19.57 25.58
CA ALA A 552 -7.71 18.15 25.63
C ALA A 552 -7.10 17.46 24.41
N TYR A 553 -7.18 18.13 23.25
CA TYR A 553 -6.53 17.70 22.01
C TYR A 553 -5.01 17.56 22.18
N GLU A 554 -4.33 18.64 22.53
CA GLU A 554 -2.88 18.68 22.68
C GLU A 554 -2.41 17.63 23.68
N SER A 555 -3.17 17.48 24.74
CA SER A 555 -2.83 16.55 25.78
C SER A 555 -3.01 15.09 25.33
N ALA A 556 -4.03 14.81 24.54
CA ALA A 556 -4.18 13.46 23.99
C ALA A 556 -3.16 13.19 22.90
N LYS A 557 -2.84 14.23 22.14
CA LYS A 557 -1.89 14.16 21.04
C LYS A 557 -0.47 13.79 21.51
N GLU A 558 0.03 14.41 22.59
CA GLU A 558 1.36 14.05 23.06
C GLU A 558 1.37 12.62 23.59
N ILE A 559 0.29 12.20 24.23
CA ILE A 559 0.19 10.80 24.65
C ILE A 559 0.29 9.87 23.43
N ALA A 560 -0.54 10.12 22.41
CA ALA A 560 -0.59 9.28 21.20
C ALA A 560 0.73 9.22 20.49
N GLN A 561 1.38 10.38 20.35
CA GLN A 561 2.70 10.48 19.70
C GLN A 561 3.78 9.77 20.52
N ASN A 562 3.72 9.86 21.84
CA ASN A 562 4.70 9.18 22.67
C ASN A 562 4.50 7.68 22.66
N LYS A 563 3.25 7.21 22.55
CA LYS A 563 3.01 5.78 22.42
C LYS A 563 3.51 5.26 21.08
N LEU A 564 3.23 6.00 20.02
CA LEU A 564 3.72 5.65 18.70
C LEU A 564 5.25 5.61 18.69
N ASN A 565 5.87 6.64 19.25
CA ASN A 565 7.34 6.66 19.37
C ASN A 565 7.94 5.49 20.16
N THR A 566 7.34 5.09 21.28
CA THR A 566 7.76 3.88 21.96
C THR A 566 7.71 2.62 21.04
N ALA A 567 6.57 2.41 20.37
CA ALA A 567 6.33 1.25 19.51
C ALA A 567 7.28 1.18 18.34
N LEU A 568 7.59 2.33 17.73
CA LEU A 568 8.53 2.41 16.61
C LEU A 568 9.98 2.18 17.01
N SER A 569 10.39 2.70 18.17
CA SER A 569 11.75 2.56 18.66
C SER A 569 12.00 1.21 19.31
N SER A 570 10.99 0.42 19.51
CA SER A 570 11.16 -0.76 20.29
C SER A 570 11.34 -1.97 19.34
N PHE A 571 12.17 -2.93 19.72
CA PHE A 571 12.46 -4.14 18.91
C PHE A 571 11.23 -4.94 18.43
N ALA A 572 10.30 -5.18 19.34
CA ALA A 572 9.09 -5.93 19.02
C ALA A 572 8.25 -5.23 17.95
N VAL A 573 7.61 -6.02 17.10
CA VAL A 573 6.77 -5.47 16.04
C VAL A 573 5.41 -6.20 16.07
N ILE A 574 4.31 -5.45 15.97
CA ILE A 574 2.99 -6.10 15.90
C ILE A 574 1.99 -5.14 15.33
N SER A 575 1.00 -5.66 14.60
CA SER A 575 -0.14 -4.86 14.14
C SER A 575 0.24 -3.60 13.36
N GLU A 576 1.21 -3.69 12.47
CA GLU A 576 1.68 -2.50 11.73
C GLU A 576 0.60 -1.73 10.98
N LYS A 577 -0.28 -2.47 10.31
CA LYS A 577 -1.29 -1.85 9.43
C LYS A 577 -2.59 -1.58 10.14
N VAL A 578 -2.66 -2.00 11.38
CA VAL A 578 -3.88 -1.88 12.12
C VAL A 578 -3.63 -0.94 13.32
N ALA A 579 -3.22 -1.50 14.46
CA ALA A 579 -3.14 -0.70 15.68
C ALA A 579 -2.07 0.39 15.58
N GLN A 580 -1.02 0.12 14.82
CA GLN A 580 0.05 1.11 14.73
C GLN A 580 -0.30 2.16 13.69
N SER A 581 -0.77 1.71 12.54
CA SER A 581 -1.22 2.59 11.49
C SER A 581 -2.33 3.57 11.96
N PHE A 582 -3.27 3.08 12.76
CA PHE A 582 -4.32 3.94 13.30
C PHE A 582 -3.82 5.21 13.97
N ILE A 583 -2.73 5.11 14.75
CA ILE A 583 -2.15 6.31 15.40
C ILE A 583 -1.66 7.30 14.34
N GLN A 584 -0.99 6.77 13.31
CA GLN A 584 -0.44 7.56 12.21
C GLN A 584 -1.58 8.26 11.48
N GLU A 585 -2.59 7.49 11.10
CA GLU A 585 -3.80 7.98 10.48
C GLU A 585 -4.49 9.09 11.26
N ALA A 586 -4.60 8.91 12.59
CA ALA A 586 -5.25 9.89 13.44
C ALA A 586 -4.44 11.18 13.57
N LEU A 587 -3.12 11.06 13.72
CA LEU A 587 -2.23 12.24 13.76
C LEU A 587 -2.21 13.04 12.45
N SER A 588 -2.60 12.41 11.33
CA SER A 588 -2.56 13.02 10.00
C SER A 588 -3.93 13.54 9.56
N PHE A 589 -4.95 13.27 10.37
CA PHE A 589 -6.31 13.69 10.05
C PHE A 589 -6.54 15.06 10.68
N ASP A 590 -6.74 16.07 9.86
CA ASP A 590 -6.97 17.43 10.38
C ASP A 590 -8.45 17.69 10.58
N LEU A 591 -8.87 17.65 11.83
CA LEU A 591 -10.25 18.02 12.19
C LEU A 591 -10.31 19.43 12.74
N THR A 592 -9.23 20.18 12.61
CA THR A 592 -9.20 21.55 13.12
C THR A 592 -9.56 22.51 11.99
N LEU A 593 -10.00 21.96 10.87
CA LEU A 593 -10.36 22.77 9.72
C LEU A 593 -11.68 23.45 9.97
N ILE A 594 -11.56 24.76 10.23
CA ILE A 594 -12.54 25.64 10.88
C ILE A 594 -13.12 25.13 12.22
N GLN B 10 17.42 27.58 -35.79
CA GLN B 10 18.24 28.81 -35.63
C GLN B 10 17.41 29.94 -35.01
N VAL B 11 16.68 29.57 -33.97
CA VAL B 11 16.05 30.51 -33.05
C VAL B 11 16.25 30.05 -31.58
N LEU B 12 15.46 29.12 -31.05
CA LEU B 12 14.36 28.42 -31.69
C LEU B 12 13.06 28.97 -31.10
N VAL B 13 11.95 28.24 -31.20
CA VAL B 13 10.75 28.60 -30.41
C VAL B 13 11.00 28.34 -28.92
N PRO B 14 10.91 29.39 -28.09
CA PRO B 14 11.07 29.16 -26.66
C PRO B 14 9.93 28.30 -26.07
N ASN B 15 10.06 27.96 -24.80
CA ASN B 15 8.96 27.42 -24.02
C ASN B 15 7.75 28.37 -24.07
N LEU B 16 6.57 27.80 -24.31
CA LEU B 16 5.34 28.59 -24.35
C LEU B 16 4.29 27.98 -23.42
N ASN B 17 3.61 28.83 -22.68
CA ASN B 17 2.51 28.38 -21.84
C ASN B 17 1.34 29.31 -21.85
N PRO B 18 0.14 28.79 -22.20
CA PRO B 18 -0.14 27.41 -22.62
C PRO B 18 0.34 27.08 -24.04
N THR B 19 0.31 25.80 -24.37
CA THR B 19 0.67 25.34 -25.70
C THR B 19 -0.38 25.85 -26.70
N PRO B 20 0.07 26.60 -27.72
CA PRO B 20 -0.88 27.11 -28.71
C PRO B 20 -1.52 25.98 -29.50
N GLU B 21 -2.77 26.16 -29.90
CA GLU B 21 -3.49 25.14 -30.65
C GLU B 21 -2.79 24.74 -31.96
N ASN B 22 -2.48 25.72 -32.80
CA ASN B 22 -1.75 25.47 -34.04
C ASN B 22 -0.58 26.43 -34.15
N LEU B 23 0.63 25.87 -34.14
CA LEU B 23 1.85 26.65 -34.30
C LEU B 23 2.68 25.98 -35.37
N GLU B 24 3.24 26.80 -36.26
CA GLU B 24 4.08 26.27 -37.30
C GLU B 24 5.25 27.20 -37.62
N VAL B 25 6.43 26.62 -37.63
CA VAL B 25 7.66 27.35 -37.92
C VAL B 25 7.70 27.55 -39.43
N VAL B 26 7.67 28.82 -39.85
CA VAL B 26 7.63 29.15 -41.28
C VAL B 26 8.95 29.71 -41.82
N GLY B 27 9.99 29.70 -41.01
CA GLY B 27 11.29 30.23 -41.42
C GLY B 27 12.34 30.19 -40.33
N ASP B 28 13.42 30.92 -40.57
CA ASP B 28 14.63 30.88 -39.75
C ASP B 28 14.60 31.81 -38.54
N GLY B 29 13.74 32.83 -38.58
CA GLY B 29 13.60 33.77 -37.47
C GLY B 29 14.34 35.05 -37.74
N PHE B 30 14.06 36.09 -36.97
CA PHE B 30 14.75 37.36 -37.15
C PHE B 30 14.91 38.13 -35.85
N LYS B 31 15.77 39.14 -35.89
CA LYS B 31 16.04 39.99 -34.75
C LYS B 31 15.22 41.28 -34.88
N ILE B 32 14.47 41.59 -33.82
CA ILE B 32 13.62 42.79 -33.77
C ILE B 32 14.48 43.98 -33.42
N THR B 33 14.29 45.10 -34.13
CA THR B 33 15.16 46.28 -33.98
C THR B 33 14.96 47.03 -32.66
N SER B 34 15.93 47.87 -32.29
CA SER B 34 15.91 48.69 -31.07
C SER B 34 14.73 49.62 -31.00
N SER B 35 14.22 49.95 -32.19
CA SER B 35 13.07 50.80 -32.37
C SER B 35 12.15 50.14 -33.39
N ILE B 36 10.84 50.29 -33.22
CA ILE B 36 9.86 49.61 -34.07
C ILE B 36 8.70 50.50 -34.47
N ASN B 37 8.01 50.11 -35.53
CA ASN B 37 6.78 50.78 -35.93
C ASN B 37 5.58 50.07 -35.35
N LEU B 38 4.77 50.82 -34.63
CA LEU B 38 3.57 50.29 -34.03
C LEU B 38 2.33 50.74 -34.79
N VAL B 39 1.58 49.76 -35.29
CA VAL B 39 0.39 50.00 -36.07
C VAL B 39 -0.83 49.40 -35.41
N GLY B 40 -1.81 50.23 -35.09
CA GLY B 40 -3.11 49.77 -34.64
C GLY B 40 -3.40 50.06 -33.20
N GLU B 41 -2.47 50.75 -32.53
CA GLU B 41 -2.53 51.00 -31.08
C GLU B 41 -3.76 51.78 -30.61
N GLU B 42 -4.32 52.58 -31.53
CA GLU B 42 -5.47 53.43 -31.27
C GLU B 42 -6.79 52.64 -31.33
N GLU B 43 -6.79 51.58 -32.13
CA GLU B 43 -7.99 50.82 -32.47
C GLU B 43 -8.17 49.49 -31.71
N ALA B 44 -7.05 48.87 -31.36
CA ALA B 44 -7.04 47.57 -30.69
C ALA B 44 -7.33 47.71 -29.19
N ASP B 45 -7.72 46.58 -28.60
CA ASP B 45 -7.99 46.41 -27.15
C ASP B 45 -6.98 47.12 -26.22
N GLU B 46 -7.52 47.96 -25.34
CA GLU B 46 -6.71 48.77 -24.42
C GLU B 46 -5.82 47.98 -23.49
N ASN B 47 -6.32 46.85 -22.99
CA ASN B 47 -5.57 46.02 -22.04
C ASN B 47 -4.44 45.28 -22.72
N ALA B 48 -4.70 44.81 -23.95
CA ALA B 48 -3.66 44.19 -24.76
C ALA B 48 -2.51 45.17 -25.07
N VAL B 49 -2.87 46.42 -25.35
CA VAL B 49 -1.88 47.47 -25.69
C VAL B 49 -1.04 47.87 -24.48
N ASN B 50 -1.69 47.99 -23.31
CA ASN B 50 -0.96 48.30 -22.07
C ASN B 50 0.01 47.19 -21.66
N ALA B 51 -0.43 45.94 -21.80
CA ALA B 51 0.43 44.78 -21.64
C ALA B 51 1.60 44.83 -22.64
N LEU B 52 1.31 45.18 -23.88
CA LEU B 52 2.35 45.34 -24.91
C LEU B 52 3.37 46.45 -24.63
N ARG B 53 2.88 47.66 -24.31
CA ARG B 53 3.74 48.80 -23.91
C ARG B 53 4.63 48.50 -22.70
N GLU B 54 4.11 47.75 -21.74
CA GLU B 54 4.86 47.35 -20.56
C GLU B 54 6.00 46.43 -20.91
N PHE B 55 5.74 45.51 -21.82
CA PHE B 55 6.77 44.59 -22.31
C PHE B 55 7.87 45.30 -23.11
N LEU B 56 7.46 46.22 -23.97
CA LEU B 56 8.40 47.02 -24.75
C LEU B 56 9.30 47.86 -23.85
N THR B 57 8.70 48.67 -22.98
CA THR B 57 9.43 49.43 -21.96
C THR B 57 10.45 48.57 -21.24
N ALA B 58 10.01 47.41 -20.74
CA ALA B 58 10.86 46.53 -19.93
C ALA B 58 11.98 45.86 -20.72
N ASN B 59 11.78 45.66 -22.01
CA ASN B 59 12.81 45.07 -22.86
C ASN B 59 13.59 46.06 -23.74
N ASN B 60 13.62 47.33 -23.33
CA ASN B 60 14.39 48.41 -23.99
C ASN B 60 14.14 48.51 -25.48
N ILE B 61 12.87 48.50 -25.84
CA ILE B 61 12.47 48.54 -27.23
C ILE B 61 11.66 49.81 -27.39
N GLU B 62 12.14 50.67 -28.27
CA GLU B 62 11.53 51.99 -28.48
C GLU B 62 10.42 51.93 -29.51
N ILE B 63 9.48 52.86 -29.39
CA ILE B 63 8.40 53.00 -30.38
C ILE B 63 8.60 54.27 -31.22
N ASN B 64 8.66 54.11 -32.55
CA ASN B 64 8.75 55.24 -33.48
C ASN B 64 7.45 56.04 -33.59
N SER B 65 7.58 57.36 -33.48
CA SER B 65 6.46 58.29 -33.65
C SER B 65 6.20 58.62 -35.13
N GLU B 66 7.16 58.25 -35.97
CA GLU B 66 7.07 58.39 -37.42
C GLU B 66 7.61 57.13 -38.08
N ASN B 67 6.90 56.62 -39.07
CA ASN B 67 7.22 55.33 -39.70
C ASN B 67 8.61 55.26 -40.34
N ASP B 68 9.29 54.12 -40.18
CA ASP B 68 10.64 53.92 -40.74
C ASP B 68 10.80 52.49 -41.30
N PRO B 69 10.88 52.37 -42.64
CA PRO B 69 11.01 51.09 -43.36
C PRO B 69 12.13 50.14 -42.91
N ASN B 70 13.10 50.66 -42.14
CA ASN B 70 14.18 49.83 -41.58
C ASN B 70 13.81 49.15 -40.25
N SER B 71 12.83 49.72 -39.55
CA SER B 71 12.35 49.21 -38.27
C SER B 71 11.44 48.00 -38.45
N THR B 72 11.45 47.13 -37.45
CA THR B 72 10.50 46.03 -37.37
C THR B 72 9.10 46.60 -37.22
N THR B 73 8.13 45.99 -37.90
CA THR B 73 6.75 46.44 -37.87
C THR B 73 5.91 45.51 -36.98
N LEU B 74 5.16 46.10 -36.05
CA LEU B 74 4.26 45.35 -35.19
C LEU B 74 2.82 45.87 -35.36
N ILE B 75 1.92 44.98 -35.75
CA ILE B 75 0.53 45.32 -36.05
C ILE B 75 -0.43 44.55 -35.16
N ILE B 76 -1.37 45.27 -34.57
CA ILE B 76 -2.27 44.73 -33.57
C ILE B 76 -3.74 45.16 -33.76
N GLY B 77 -4.67 44.24 -33.52
CA GLY B 77 -6.10 44.55 -33.58
C GLY B 77 -7.02 43.33 -33.55
N GLU B 78 -8.32 43.57 -33.69
CA GLU B 78 -9.37 42.53 -33.77
C GLU B 78 -9.76 42.27 -35.23
N VAL B 79 -10.50 41.20 -35.48
CA VAL B 79 -11.03 40.93 -36.82
C VAL B 79 -12.01 42.02 -37.22
N ASP B 80 -12.80 42.48 -36.24
CA ASP B 80 -13.82 43.48 -36.48
C ASP B 80 -13.26 44.88 -36.75
N ASP B 81 -12.01 45.12 -36.34
CA ASP B 81 -11.33 46.37 -36.63
C ASP B 81 -11.02 46.43 -38.13
N ASP B 82 -11.01 47.65 -38.67
CA ASP B 82 -10.68 47.89 -40.08
C ASP B 82 -9.21 48.29 -40.19
N ILE B 83 -8.33 47.32 -40.46
CA ILE B 83 -6.89 47.57 -40.60
C ILE B 83 -6.30 46.80 -41.79
N PRO B 84 -5.88 47.53 -42.84
CA PRO B 84 -5.36 46.90 -44.07
C PRO B 84 -4.01 46.20 -43.88
N GLU B 85 -3.12 46.77 -43.07
CA GLU B 85 -1.81 46.18 -42.79
C GLU B 85 -1.90 44.83 -42.09
N LEU B 86 -2.89 44.70 -41.21
CA LEU B 86 -3.08 43.46 -40.48
C LEU B 86 -3.36 42.34 -41.48
N ASP B 87 -4.40 42.52 -42.29
CA ASP B 87 -4.78 41.54 -43.32
C ASP B 87 -3.61 41.19 -44.25
N GLU B 88 -2.83 42.20 -44.65
CA GLU B 88 -1.66 42.02 -45.52
C GLU B 88 -0.51 41.24 -44.84
N ALA B 89 -0.19 41.64 -43.62
CA ALA B 89 0.85 40.98 -42.82
C ALA B 89 0.50 39.53 -42.47
N LEU B 90 -0.79 39.25 -42.28
CA LEU B 90 -1.27 37.91 -41.96
C LEU B 90 -1.20 36.95 -43.15
N ASN B 91 -1.55 37.44 -44.33
CA ASN B 91 -1.48 36.69 -45.59
C ASN B 91 -2.08 35.27 -45.59
N GLY B 92 -3.40 35.20 -45.42
CA GLY B 92 -4.12 33.93 -45.44
C GLY B 92 -4.68 33.47 -44.11
N THR B 93 -4.02 33.84 -43.00
CA THR B 93 -4.45 33.42 -41.66
C THR B 93 -5.24 34.50 -40.94
N THR B 94 -6.40 34.11 -40.40
CA THR B 94 -7.26 34.99 -39.58
C THR B 94 -7.77 34.32 -38.31
N ALA B 95 -8.32 35.15 -37.43
CA ALA B 95 -9.01 34.69 -36.25
C ALA B 95 -10.53 34.70 -36.49
N GLU B 96 -10.93 34.96 -37.73
CA GLU B 96 -12.32 35.21 -38.09
C GLU B 96 -13.26 34.09 -37.62
N ASN B 97 -12.88 32.85 -37.91
CA ASN B 97 -13.70 31.67 -37.63
C ASN B 97 -13.33 30.94 -36.34
N LEU B 98 -12.72 31.65 -35.41
CA LEU B 98 -12.35 31.06 -34.15
C LEU B 98 -13.34 31.44 -33.05
N LYS B 99 -13.28 30.69 -31.96
CA LYS B 99 -14.13 30.94 -30.81
C LYS B 99 -13.63 32.13 -30.05
N GLU B 100 -14.47 32.66 -29.16
CA GLU B 100 -14.07 33.69 -28.20
C GLU B 100 -12.73 33.38 -27.56
N GLU B 101 -11.94 34.42 -27.36
CA GLU B 101 -10.60 34.34 -26.76
C GLU B 101 -9.51 33.84 -27.73
N GLY B 102 -9.89 33.35 -28.89
CA GLY B 102 -8.94 33.00 -29.95
C GLY B 102 -8.22 34.19 -30.59
N TYR B 103 -7.07 33.93 -31.19
CA TYR B 103 -6.27 34.96 -31.86
C TYR B 103 -5.41 34.31 -32.96
N ALA B 104 -5.00 35.14 -33.92
CA ALA B 104 -3.97 34.75 -34.88
C ALA B 104 -2.71 35.56 -34.64
N LEU B 105 -1.55 34.91 -34.80
CA LEU B 105 -0.25 35.57 -34.72
C LEU B 105 0.68 35.06 -35.81
N VAL B 106 1.25 35.99 -36.55
CA VAL B 106 2.21 35.68 -37.61
C VAL B 106 3.43 36.57 -37.44
N SER B 107 4.59 35.95 -37.31
CA SER B 107 5.87 36.67 -37.31
C SER B 107 6.70 36.18 -38.50
N ASN B 108 7.07 37.11 -39.37
CA ASN B 108 7.59 36.79 -40.71
C ASN B 108 8.24 38.02 -41.34
N ASP B 109 9.52 37.89 -41.71
CA ASP B 109 10.26 38.91 -42.51
C ASP B 109 10.15 40.35 -41.98
N GLY B 110 10.49 40.53 -40.69
CA GLY B 110 10.44 41.85 -40.05
C GLY B 110 9.04 42.33 -39.68
N LYS B 111 8.06 41.44 -39.83
CA LYS B 111 6.68 41.74 -39.46
C LYS B 111 6.16 40.83 -38.35
N ILE B 112 5.41 41.41 -37.41
CA ILE B 112 4.66 40.64 -36.42
C ILE B 112 3.23 41.16 -36.37
N ALA B 113 2.29 40.26 -36.66
CA ALA B 113 0.87 40.59 -36.72
C ALA B 113 0.09 39.84 -35.64
N ILE B 114 -0.57 40.60 -34.76
CA ILE B 114 -1.43 40.02 -33.73
C ILE B 114 -2.89 40.44 -33.98
N GLU B 115 -3.72 39.46 -34.33
CA GLU B 115 -5.15 39.68 -34.53
C GLU B 115 -5.96 38.81 -33.55
N GLY B 116 -6.77 39.44 -32.72
CA GLY B 116 -7.69 38.70 -31.85
C GLY B 116 -9.07 38.54 -32.47
N LYS B 117 -9.74 37.43 -32.15
CA LYS B 117 -11.16 37.26 -32.47
C LYS B 117 -12.03 38.30 -31.76
N ASP B 118 -11.66 38.58 -30.50
CA ASP B 118 -12.26 39.62 -29.67
C ASP B 118 -11.11 40.27 -28.89
N GLY B 119 -11.40 41.25 -28.04
CA GLY B 119 -10.36 41.90 -27.22
C GLY B 119 -9.56 40.99 -26.30
N ASP B 120 -10.20 39.95 -25.79
CA ASP B 120 -9.54 38.98 -24.92
C ASP B 120 -8.48 38.19 -25.64
N GLY B 121 -8.77 37.81 -26.89
CA GLY B 121 -7.84 37.10 -27.75
C GLY B 121 -6.63 37.93 -28.16
N THR B 122 -6.81 39.23 -28.36
CA THR B 122 -5.70 40.13 -28.68
C THR B 122 -4.73 40.14 -27.50
N PHE B 123 -5.28 40.33 -26.31
CA PHE B 123 -4.52 40.29 -25.06
C PHE B 123 -3.67 39.03 -24.94
N TYR B 124 -4.31 37.89 -25.17
CA TYR B 124 -3.63 36.58 -25.16
C TYR B 124 -2.61 36.45 -26.29
N GLY B 125 -2.90 37.08 -27.43
CA GLY B 125 -1.95 37.19 -28.51
C GLY B 125 -0.70 37.91 -28.05
N VAL B 126 -0.89 39.06 -27.41
CA VAL B 126 0.23 39.81 -26.83
C VAL B 126 1.01 38.93 -25.85
N GLN B 127 0.29 38.15 -25.03
CA GLN B 127 0.91 37.23 -24.08
C GLN B 127 1.81 36.19 -24.75
N THR B 128 1.35 35.61 -25.85
CA THR B 128 2.18 34.68 -26.62
C THR B 128 3.39 35.40 -27.23
N PHE B 129 3.18 36.64 -27.68
CA PHE B 129 4.29 37.45 -28.19
C PHE B 129 5.39 37.60 -27.15
N LYS B 130 4.99 37.92 -25.93
CA LYS B 130 5.92 38.13 -24.84
C LYS B 130 6.77 36.89 -24.56
N GLN B 131 6.16 35.71 -24.63
CA GLN B 131 6.89 34.46 -24.46
C GLN B 131 7.77 34.08 -25.66
N LEU B 132 7.46 34.63 -26.83
CA LEU B 132 8.19 34.34 -28.06
C LEU B 132 9.51 35.10 -28.19
N VAL B 133 9.55 36.33 -27.69
CA VAL B 133 10.74 37.17 -27.75
C VAL B 133 11.78 36.82 -26.68
N LYS B 134 12.96 36.39 -27.12
CA LYS B 134 14.13 36.21 -26.25
C LYS B 134 15.32 37.00 -26.78
N GLU B 135 15.60 38.11 -26.11
CA GLU B 135 16.71 38.98 -26.46
C GLU B 135 16.55 39.56 -27.84
N SER B 136 15.39 40.14 -28.08
CA SER B 136 14.99 40.71 -29.37
C SER B 136 14.88 39.71 -30.53
N ASN B 137 15.32 38.49 -30.31
CA ASN B 137 15.09 37.45 -31.31
C ASN B 137 13.69 36.86 -31.21
N ILE B 138 13.08 36.63 -32.37
CA ILE B 138 11.76 36.01 -32.45
C ILE B 138 11.74 34.95 -33.55
N PRO B 139 11.22 33.75 -33.26
CA PRO B 139 11.06 32.78 -34.34
C PRO B 139 10.05 33.26 -35.38
N GLU B 140 10.16 32.75 -36.60
CA GLU B 140 9.15 33.03 -37.60
C GLU B 140 8.07 31.97 -37.52
N VAL B 141 6.86 32.40 -37.15
CA VAL B 141 5.77 31.46 -36.86
C VAL B 141 4.41 31.85 -37.42
N ASN B 142 3.62 30.82 -37.74
CA ASN B 142 2.20 30.98 -37.99
C ASN B 142 1.38 30.32 -36.86
N ILE B 143 0.59 31.13 -36.14
CA ILE B 143 -0.25 30.65 -35.01
C ILE B 143 -1.73 31.05 -35.10
N THR B 144 -2.60 30.05 -34.95
CA THR B 144 -4.00 30.24 -34.53
C THR B 144 -4.22 29.45 -33.24
N ASP B 145 -4.98 30.03 -32.33
CA ASP B 145 -5.00 29.56 -30.96
C ASP B 145 -6.27 30.01 -30.26
N TYR B 146 -6.75 29.16 -29.36
CA TYR B 146 -8.01 29.35 -28.61
C TYR B 146 -8.11 28.27 -27.49
N PRO B 147 -8.91 28.54 -26.44
CA PRO B 147 -8.95 27.63 -25.31
C PRO B 147 -9.82 26.43 -25.59
N THR B 148 -9.53 25.30 -24.96
CA THR B 148 -10.43 24.14 -24.96
C THR B 148 -11.66 24.50 -24.13
N VAL B 149 -11.41 24.96 -22.90
CA VAL B 149 -12.43 25.24 -21.91
C VAL B 149 -12.57 26.74 -21.75
N SER B 150 -13.81 27.26 -21.69
CA SER B 150 -13.99 28.71 -21.71
C SER B 150 -13.81 29.45 -20.37
N ALA B 151 -13.94 28.75 -19.24
CA ALA B 151 -13.56 29.32 -17.94
C ALA B 151 -12.45 28.49 -17.27
N ARG B 152 -11.33 29.16 -16.96
CA ARG B 152 -10.11 28.51 -16.52
C ARG B 152 -9.52 29.34 -15.38
N GLY B 153 -9.26 28.76 -14.21
CA GLY B 153 -8.65 29.57 -13.16
C GLY B 153 -8.46 28.95 -11.79
N ILE B 154 -8.56 29.80 -10.77
CA ILE B 154 -8.23 29.47 -9.39
C ILE B 154 -9.41 29.84 -8.51
N VAL B 155 -9.79 28.92 -7.61
CA VAL B 155 -10.69 29.25 -6.52
C VAL B 155 -9.84 29.26 -5.27
N GLU B 156 -9.68 30.43 -4.66
CA GLU B 156 -9.01 30.52 -3.39
C GLU B 156 -10.06 30.13 -2.38
N GLY B 157 -10.13 28.83 -2.08
CA GLY B 157 -11.23 28.32 -1.26
C GLY B 157 -10.76 27.40 -0.19
N PHE B 158 -9.49 27.50 0.19
CA PHE B 158 -8.88 26.60 1.17
C PHE B 158 -9.10 27.08 2.62
N TYR B 159 -8.86 26.20 3.60
CA TYR B 159 -8.81 26.60 5.00
C TYR B 159 -7.37 26.97 5.29
N GLY B 160 -7.16 27.81 6.29
CA GLY B 160 -5.82 28.31 6.58
C GLY B 160 -5.71 29.81 6.37
N THR B 161 -4.52 30.33 6.62
CA THR B 161 -4.21 31.74 6.38
C THR B 161 -4.51 32.14 4.92
N PRO B 162 -5.42 33.10 4.73
CA PRO B 162 -5.68 33.49 3.34
C PRO B 162 -4.44 34.18 2.71
N TRP B 163 -4.36 34.16 1.39
CA TRP B 163 -3.35 34.89 0.64
C TRP B 163 -3.35 36.37 1.05
N THR B 164 -2.15 36.98 1.12
CA THR B 164 -2.01 38.42 1.41
C THR B 164 -2.52 39.24 0.23
N HIS B 165 -2.77 40.53 0.45
CA HIS B 165 -3.16 41.39 -0.67
C HIS B 165 -2.13 41.43 -1.81
N GLN B 166 -0.84 41.56 -1.48
CA GLN B 166 0.21 41.47 -2.50
C GLN B 166 0.21 40.14 -3.24
N ASP B 167 0.03 39.05 -2.47
CA ASP B 167 -0.11 37.69 -3.04
C ASP B 167 -1.09 37.66 -4.19
N ARG B 168 -2.31 38.14 -3.92
CA ARG B 168 -3.39 38.15 -4.91
C ARG B 168 -3.09 38.98 -6.16
N LEU B 169 -2.45 40.14 -5.97
CA LEU B 169 -2.13 41.03 -7.11
C LEU B 169 -1.15 40.34 -8.04
N ASP B 170 -0.19 39.66 -7.43
CA ASP B 170 0.82 38.96 -8.19
C ASP B 170 0.22 37.72 -8.90
N GLN B 171 -0.61 36.98 -8.20
CA GLN B 171 -1.34 35.87 -8.82
C GLN B 171 -2.16 36.30 -10.04
N ILE B 172 -2.91 37.39 -9.91
CA ILE B 172 -3.69 37.92 -11.02
C ILE B 172 -2.85 38.28 -12.27
N LYS B 173 -1.67 38.86 -12.06
CA LYS B 173 -0.76 39.17 -13.18
C LYS B 173 -0.32 37.87 -13.84
N PHE B 174 0.08 36.93 -12.99
CA PHE B 174 0.47 35.59 -13.40
C PHE B 174 -0.65 34.87 -14.13
N TYR B 175 -1.90 35.10 -13.74
CA TYR B 175 -3.01 34.44 -14.43
C TYR B 175 -3.13 35.00 -15.85
N GLY B 176 -3.06 36.32 -15.95
CA GLY B 176 -3.04 36.99 -17.24
C GLY B 176 -1.99 36.39 -18.16
N GLU B 177 -0.75 36.31 -17.69
CA GLU B 177 0.39 35.85 -18.52
C GLU B 177 0.25 34.41 -19.03
N ASN B 178 -0.57 33.62 -18.34
CA ASN B 178 -0.76 32.22 -18.66
C ASN B 178 -2.17 31.92 -19.16
N LYS B 179 -2.90 33.00 -19.46
CA LYS B 179 -4.22 32.91 -20.10
C LYS B 179 -5.28 32.27 -19.22
N LEU B 180 -5.11 32.39 -17.92
CA LEU B 180 -6.17 31.96 -17.02
C LEU B 180 -7.15 33.13 -16.86
N ASN B 181 -8.45 32.87 -17.08
CA ASN B 181 -9.46 33.92 -17.08
C ASN B 181 -10.42 34.01 -15.87
N THR B 182 -10.20 33.19 -14.85
CA THR B 182 -11.11 33.16 -13.70
C THR B 182 -10.41 33.15 -12.34
N TYR B 183 -10.87 34.00 -11.43
CA TYR B 183 -10.39 33.97 -10.06
C TYR B 183 -11.58 34.08 -9.12
N ILE B 184 -11.80 33.01 -8.34
CA ILE B 184 -12.93 32.94 -7.42
C ILE B 184 -12.43 33.23 -6.02
N TYR B 185 -12.95 34.31 -5.46
CA TYR B 185 -12.62 34.72 -4.12
C TYR B 185 -13.58 34.05 -3.16
N ALA B 186 -13.03 33.13 -2.36
CA ALA B 186 -13.85 32.33 -1.48
C ALA B 186 -13.09 31.71 -0.30
N PRO B 187 -12.15 32.45 0.32
CA PRO B 187 -11.33 31.82 1.37
C PRO B 187 -12.16 31.44 2.60
N LYS B 188 -12.08 30.16 2.99
CA LYS B 188 -12.82 29.66 4.14
C LYS B 188 -12.63 30.48 5.41
N ASP B 189 -11.41 30.99 5.66
CA ASP B 189 -11.14 31.71 6.92
C ASP B 189 -11.11 33.24 6.85
N ASP B 190 -11.69 33.81 5.79
CA ASP B 190 -12.05 35.24 5.80
C ASP B 190 -13.40 35.34 6.51
N PRO B 191 -13.43 35.96 7.71
CA PRO B 191 -14.66 35.96 8.50
C PRO B 191 -15.87 36.50 7.74
N TYR B 192 -15.67 37.54 6.94
CA TYR B 192 -16.74 38.10 6.10
C TYR B 192 -17.15 37.22 4.90
N HIS B 193 -16.45 36.11 4.68
CA HIS B 193 -16.86 35.20 3.61
C HIS B 193 -17.89 34.15 4.08
N ARG B 194 -17.77 33.71 5.34
CA ARG B 194 -18.45 32.51 5.86
C ARG B 194 -18.85 32.67 7.34
N GLU B 195 -17.87 32.88 8.20
CA GLU B 195 -18.11 32.97 9.65
C GLU B 195 -19.08 34.07 10.03
N LYS B 196 -18.87 35.27 9.46
CA LYS B 196 -19.75 36.42 9.65
C LYS B 196 -20.22 36.92 8.28
N TRP B 197 -20.66 35.99 7.43
CA TRP B 197 -21.05 36.29 6.05
C TRP B 197 -22.08 37.42 5.93
N ARG B 198 -22.82 37.69 7.00
CA ARG B 198 -23.84 38.74 7.01
C ARG B 198 -23.24 40.15 7.06
N GLU B 199 -22.08 40.25 7.71
CA GLU B 199 -21.49 41.55 8.05
C GLU B 199 -20.73 42.13 6.88
N PRO B 200 -20.87 43.46 6.63
CA PRO B 200 -20.13 44.13 5.55
C PRO B 200 -18.62 44.23 5.76
N TYR B 201 -17.86 44.29 4.66
CA TYR B 201 -16.42 44.53 4.71
C TYR B 201 -16.11 45.97 5.20
N PRO B 202 -15.25 46.11 6.23
CA PRO B 202 -14.67 47.40 6.58
C PRO B 202 -14.11 48.14 5.35
N GLU B 203 -14.13 49.47 5.41
CA GLU B 203 -13.75 50.31 4.27
C GLU B 203 -12.32 50.07 3.78
N SER B 204 -11.38 49.81 4.69
CA SER B 204 -10.00 49.57 4.27
C SER B 204 -9.86 48.24 3.51
N GLU B 205 -10.65 47.24 3.91
CA GLU B 205 -10.73 45.98 3.18
C GLU B 205 -11.46 46.15 1.84
N MET B 206 -12.43 47.07 1.78
CA MET B 206 -13.08 47.42 0.51
C MET B 206 -12.12 48.05 -0.49
N GLN B 207 -11.20 48.89 -0.02
CA GLN B 207 -10.19 49.52 -0.88
C GLN B 207 -9.27 48.46 -1.46
N ARG B 208 -8.86 47.54 -0.59
CA ARG B 208 -8.11 46.37 -1.01
C ARG B 208 -8.88 45.57 -2.06
N MET B 209 -10.20 45.45 -1.90
CA MET B 209 -11.04 44.77 -2.92
C MET B 209 -11.05 45.48 -4.27
N GLN B 210 -11.15 46.81 -4.26
CA GLN B 210 -11.20 47.60 -5.47
C GLN B 210 -9.95 47.37 -6.33
N GLU B 211 -8.79 47.35 -5.69
CA GLU B 211 -7.54 47.05 -6.41
C GLU B 211 -7.53 45.65 -7.03
N LEU B 212 -8.06 44.66 -6.31
CA LEU B 212 -8.24 43.30 -6.87
C LEU B 212 -9.12 43.28 -8.12
N ILE B 213 -10.29 43.89 -8.03
CA ILE B 213 -11.21 44.04 -9.15
C ILE B 213 -10.54 44.72 -10.35
N ASN B 214 -9.85 45.84 -10.10
CA ASN B 214 -9.17 46.59 -11.16
C ASN B 214 -8.07 45.82 -11.84
N ALA B 215 -7.27 45.11 -11.04
CA ALA B 215 -6.19 44.29 -11.56
C ALA B 215 -6.71 43.13 -12.41
N SER B 216 -7.88 42.62 -12.03
CA SER B 216 -8.50 41.50 -12.73
C SER B 216 -8.96 41.92 -14.12
N ALA B 217 -9.64 43.06 -14.19
CA ALA B 217 -10.09 43.68 -15.45
C ALA B 217 -8.94 43.92 -16.42
N GLU B 218 -7.81 44.43 -15.91
CA GLU B 218 -6.62 44.70 -16.71
C GLU B 218 -5.99 43.43 -17.29
N ASN B 219 -6.25 42.29 -16.66
CA ASN B 219 -5.68 41.01 -17.09
C ASN B 219 -6.68 40.02 -17.66
N LYS B 220 -7.86 40.51 -18.05
CA LYS B 220 -8.92 39.69 -18.65
C LYS B 220 -9.38 38.52 -17.76
N VAL B 221 -9.29 38.74 -16.46
CA VAL B 221 -9.63 37.76 -15.44
C VAL B 221 -10.98 38.12 -14.85
N ASP B 222 -11.90 37.15 -14.80
CA ASP B 222 -13.20 37.32 -14.17
C ASP B 222 -13.07 37.15 -12.67
N PHE B 223 -13.18 38.25 -11.94
CA PHE B 223 -13.09 38.19 -10.49
C PHE B 223 -14.46 37.76 -9.99
N VAL B 224 -14.53 36.60 -9.35
CA VAL B 224 -15.81 36.08 -8.91
C VAL B 224 -15.96 36.18 -7.39
N PHE B 225 -16.95 36.94 -6.92
CA PHE B 225 -17.16 37.07 -5.48
C PHE B 225 -18.00 35.95 -4.85
N GLY B 226 -17.34 35.13 -4.04
CA GLY B 226 -17.99 34.04 -3.33
C GLY B 226 -18.50 34.39 -1.94
N ILE B 227 -19.64 33.78 -1.60
CA ILE B 227 -20.19 33.85 -0.28
C ILE B 227 -20.76 32.47 0.11
N SER B 228 -20.64 32.15 1.41
CA SER B 228 -20.94 30.84 1.98
C SER B 228 -21.78 31.00 3.25
N PRO B 229 -23.11 31.11 3.08
CA PRO B 229 -24.00 31.43 4.19
C PRO B 229 -24.52 30.21 4.95
N GLY B 230 -24.06 29.02 4.57
CA GLY B 230 -24.75 27.78 4.92
C GLY B 230 -24.75 27.37 6.37
N ILE B 231 -23.79 27.83 7.13
CA ILE B 231 -23.71 27.37 8.49
C ILE B 231 -24.94 27.73 9.30
N ASP B 232 -25.48 28.92 9.04
CA ASP B 232 -26.55 29.43 9.88
C ASP B 232 -27.55 30.32 9.18
N ILE B 233 -27.57 30.36 7.87
CA ILE B 233 -28.59 31.12 7.18
C ILE B 233 -29.97 30.57 7.60
N ARG B 234 -30.96 31.45 7.70
CA ARG B 234 -32.33 31.01 7.98
C ARG B 234 -33.13 31.11 6.70
N PHE B 235 -34.14 30.25 6.55
CA PHE B 235 -34.85 30.17 5.27
C PHE B 235 -36.32 30.59 5.34
N ASP B 236 -36.95 30.37 6.50
CA ASP B 236 -38.40 30.49 6.64
C ASP B 236 -38.84 31.83 7.25
N GLY B 237 -40.08 32.21 6.97
CA GLY B 237 -40.69 33.40 7.52
C GLY B 237 -39.88 34.67 7.30
N ASP B 238 -40.05 35.61 8.23
CA ASP B 238 -39.33 36.88 8.23
C ASP B 238 -37.82 36.69 8.37
N ALA B 239 -37.43 35.72 9.19
CA ALA B 239 -36.01 35.40 9.41
C ALA B 239 -35.25 35.11 8.09
N GLY B 240 -35.85 34.31 7.23
CA GLY B 240 -35.28 33.99 5.91
C GLY B 240 -35.28 35.15 4.94
N GLU B 241 -36.24 36.05 5.08
CA GLU B 241 -36.33 37.23 4.23
C GLU B 241 -35.16 38.14 4.55
N GLU B 242 -34.94 38.39 5.84
CA GLU B 242 -33.86 39.22 6.30
C GLU B 242 -32.50 38.67 5.86
N ASP B 243 -32.33 37.36 5.97
CA ASP B 243 -31.09 36.72 5.54
C ASP B 243 -30.93 36.74 4.04
N PHE B 244 -32.01 36.71 3.30
CA PHE B 244 -31.87 36.84 1.85
C PHE B 244 -31.41 38.25 1.44
N ASN B 245 -32.00 39.29 2.01
CA ASN B 245 -31.55 40.67 1.76
C ASN B 245 -30.09 40.92 2.12
N HIS B 246 -29.60 40.19 3.14
CA HIS B 246 -28.19 40.20 3.54
C HIS B 246 -27.26 39.72 2.42
N LEU B 247 -27.72 38.73 1.65
CA LEU B 247 -27.00 38.24 0.48
C LEU B 247 -27.00 39.28 -0.62
N ILE B 248 -28.18 39.84 -0.88
CA ILE B 248 -28.32 40.89 -1.87
C ILE B 248 -27.41 42.08 -1.52
N THR B 249 -27.58 42.67 -0.34
CA THR B 249 -26.70 43.75 0.16
C THR B 249 -25.20 43.48 -0.10
N LYS B 250 -24.73 42.32 0.33
CA LYS B 250 -23.35 41.90 0.21
C LYS B 250 -22.89 41.82 -1.24
N ALA B 251 -23.71 41.23 -2.11
CA ALA B 251 -23.41 41.21 -3.53
C ALA B 251 -23.47 42.59 -4.20
N GLU B 252 -24.51 43.38 -3.88
CA GLU B 252 -24.65 44.76 -4.37
C GLU B 252 -23.43 45.62 -4.07
N SER B 253 -22.91 45.52 -2.84
CA SER B 253 -21.72 46.28 -2.44
C SER B 253 -20.49 45.92 -3.29
N LEU B 254 -20.46 44.68 -3.79
CA LEU B 254 -19.37 44.24 -4.66
C LEU B 254 -19.62 44.55 -6.14
N TYR B 255 -20.87 44.41 -6.56
CA TYR B 255 -21.29 44.85 -7.89
C TYR B 255 -20.98 46.35 -8.10
N ASP B 256 -21.25 47.17 -7.07
CA ASP B 256 -21.01 48.62 -7.11
C ASP B 256 -19.55 48.98 -7.34
N MET B 257 -18.65 48.04 -7.11
CA MET B 257 -17.24 48.25 -7.36
C MET B 257 -16.79 47.64 -8.68
N GLY B 258 -17.67 46.88 -9.33
CA GLY B 258 -17.37 46.35 -10.66
C GLY B 258 -17.32 44.83 -10.80
N VAL B 259 -17.75 44.11 -9.77
CA VAL B 259 -17.82 42.66 -9.82
C VAL B 259 -19.01 42.27 -10.64
N ARG B 260 -18.80 41.35 -11.58
CA ARG B 260 -19.85 40.87 -12.46
C ARG B 260 -20.03 39.34 -12.50
N SER B 261 -19.34 38.62 -11.60
CA SER B 261 -19.54 37.19 -11.37
C SER B 261 -19.68 36.95 -9.86
N PHE B 262 -20.55 36.02 -9.49
CA PHE B 262 -20.83 35.77 -8.07
C PHE B 262 -21.00 34.28 -7.82
N ALA B 263 -20.62 33.81 -6.64
CA ALA B 263 -20.79 32.41 -6.24
C ALA B 263 -21.40 32.31 -4.87
N ILE B 264 -22.34 31.39 -4.73
CA ILE B 264 -22.94 31.07 -3.45
C ILE B 264 -22.75 29.59 -3.19
N TYR B 265 -21.98 29.30 -2.16
CA TYR B 265 -21.53 27.94 -1.88
C TYR B 265 -22.24 27.31 -0.69
N TRP B 266 -22.43 25.99 -0.75
CA TRP B 266 -23.15 25.22 0.26
C TRP B 266 -22.37 24.02 0.79
N ASP B 267 -21.04 24.04 0.65
CA ASP B 267 -20.21 22.90 1.04
C ASP B 267 -19.87 22.90 2.54
N ASP B 268 -19.52 21.71 3.06
CA ASP B 268 -19.02 21.56 4.45
C ASP B 268 -19.96 22.05 5.57
N ILE B 269 -21.28 21.92 5.37
CA ILE B 269 -22.29 22.30 6.38
C ILE B 269 -23.09 21.07 6.77
N GLN B 270 -23.80 21.10 7.90
CA GLN B 270 -24.58 19.94 8.33
C GLN B 270 -26.01 19.95 7.80
N ASP B 271 -26.53 21.14 7.52
CA ASP B 271 -27.91 21.31 7.06
C ASP B 271 -28.07 20.84 5.62
N LYS B 272 -28.87 19.81 5.39
CA LYS B 272 -28.98 19.29 4.05
C LYS B 272 -30.36 19.53 3.46
N SER B 273 -30.69 20.80 3.29
CA SER B 273 -32.00 21.17 2.80
C SER B 273 -31.91 21.59 1.35
N ALA B 274 -31.86 20.61 0.46
CA ALA B 274 -31.64 20.85 -0.94
C ALA B 274 -32.63 21.82 -1.53
N ALA B 275 -33.91 21.65 -1.22
CA ALA B 275 -34.94 22.48 -1.85
C ALA B 275 -34.78 23.94 -1.45
N LYS B 276 -34.37 24.18 -0.21
CA LYS B 276 -34.16 25.53 0.31
C LYS B 276 -32.93 26.19 -0.30
N HIS B 277 -31.82 25.44 -0.36
CA HIS B 277 -30.57 25.93 -0.95
C HIS B 277 -30.80 26.40 -2.37
N ALA B 278 -31.47 25.54 -3.14
CA ALA B 278 -31.79 25.81 -4.52
C ALA B 278 -32.77 27.01 -4.62
N GLN B 279 -33.71 27.10 -3.70
CA GLN B 279 -34.65 28.21 -3.77
C GLN B 279 -33.93 29.53 -3.59
N VAL B 280 -32.99 29.58 -2.65
CA VAL B 280 -32.13 30.73 -2.45
C VAL B 280 -31.39 31.12 -3.75
N LEU B 281 -30.67 30.17 -4.34
CA LEU B 281 -30.01 30.35 -5.63
C LEU B 281 -30.92 30.87 -6.74
N ASN B 282 -32.07 30.23 -6.94
CA ASN B 282 -33.03 30.64 -7.97
C ASN B 282 -33.58 32.05 -7.74
N ARG B 283 -33.85 32.38 -6.48
CA ARG B 283 -34.27 33.72 -6.12
C ARG B 283 -33.16 34.75 -6.44
N PHE B 284 -31.91 34.41 -6.09
CA PHE B 284 -30.79 35.30 -6.37
C PHE B 284 -30.54 35.43 -7.87
N ASN B 285 -30.71 34.33 -8.60
CA ASN B 285 -30.56 34.34 -10.06
C ASN B 285 -31.54 35.32 -10.70
N GLU B 286 -32.74 35.38 -10.15
CA GLU B 286 -33.83 36.17 -10.72
C GLU B 286 -33.74 37.64 -10.31
N GLU B 287 -33.76 37.89 -9.01
CA GLU B 287 -33.75 39.25 -8.49
C GLU B 287 -32.39 39.95 -8.59
N PHE B 288 -31.31 39.21 -8.79
CA PHE B 288 -30.00 39.83 -8.93
C PHE B 288 -29.37 39.65 -10.31
N VAL B 289 -28.98 38.43 -10.64
CA VAL B 289 -28.28 38.16 -11.89
C VAL B 289 -29.03 38.60 -13.15
N LYS B 290 -30.30 38.20 -13.27
CA LYS B 290 -31.11 38.61 -14.43
C LYS B 290 -31.53 40.08 -14.38
N ALA B 291 -31.96 40.53 -13.20
CA ALA B 291 -32.30 41.93 -12.96
C ALA B 291 -31.20 42.88 -13.44
N LYS B 292 -29.96 42.40 -13.46
CA LYS B 292 -28.83 43.26 -13.76
C LYS B 292 -28.30 43.18 -15.20
N GLY B 293 -28.65 42.11 -15.91
CA GLY B 293 -28.35 41.97 -17.35
C GLY B 293 -26.90 41.84 -17.79
N ASP B 294 -25.96 42.36 -16.99
CA ASP B 294 -24.52 42.28 -17.32
C ASP B 294 -23.72 41.36 -16.40
N VAL B 295 -24.42 40.61 -15.56
CA VAL B 295 -23.81 39.63 -14.65
C VAL B 295 -23.78 38.23 -15.27
N LYS B 296 -22.58 37.67 -15.30
CA LYS B 296 -22.29 36.32 -15.76
C LYS B 296 -23.10 35.23 -15.00
N PRO B 297 -23.21 34.01 -15.56
CA PRO B 297 -24.03 33.04 -14.82
C PRO B 297 -23.60 32.81 -13.36
N LEU B 298 -24.57 32.56 -12.48
CA LEU B 298 -24.35 32.30 -11.08
C LEU B 298 -23.57 30.99 -10.89
N ILE B 299 -22.70 30.95 -9.86
CA ILE B 299 -21.89 29.78 -9.55
C ILE B 299 -22.25 29.25 -8.16
N THR B 300 -22.30 27.92 -8.04
CA THR B 300 -22.56 27.29 -6.76
C THR B 300 -21.89 25.93 -6.62
N CYS B 301 -21.86 25.42 -5.39
CA CYS B 301 -21.65 24.00 -5.18
C CYS B 301 -22.69 23.47 -4.18
N PRO B 302 -23.20 22.23 -4.41
CA PRO B 302 -24.20 21.67 -3.53
C PRO B 302 -23.55 21.09 -2.29
N THR B 303 -24.32 20.80 -1.25
CA THR B 303 -23.73 20.22 -0.06
C THR B 303 -23.18 18.81 -0.37
N GLU B 304 -23.82 18.11 -1.31
CA GLU B 304 -23.22 16.94 -1.90
C GLU B 304 -22.46 17.35 -3.19
N TYR B 305 -21.14 17.39 -3.11
CA TYR B 305 -20.32 17.92 -4.21
C TYR B 305 -19.24 16.97 -4.77
N ASP B 306 -19.08 15.79 -4.18
CA ASP B 306 -18.31 14.73 -4.82
C ASP B 306 -19.19 13.50 -5.10
N THR B 307 -18.79 12.69 -6.08
CA THR B 307 -19.61 11.59 -6.54
C THR B 307 -19.95 10.53 -5.48
N GLY B 308 -19.04 10.25 -4.56
CA GLY B 308 -19.38 9.37 -3.43
C GLY B 308 -20.53 9.93 -2.60
N ALA B 309 -20.56 11.24 -2.40
CA ALA B 309 -21.65 11.88 -1.65
C ALA B 309 -22.88 12.16 -2.50
N MET B 310 -22.75 12.18 -3.82
CA MET B 310 -23.88 12.55 -4.70
C MET B 310 -24.69 11.36 -5.23
N VAL B 311 -24.03 10.20 -5.35
CA VAL B 311 -24.58 9.09 -6.09
C VAL B 311 -24.57 7.81 -5.26
N SER B 312 -25.62 7.02 -5.43
CA SER B 312 -25.68 5.66 -4.92
C SER B 312 -26.21 4.74 -6.02
N ASN B 313 -25.47 3.69 -6.36
CA ASN B 313 -25.78 2.76 -7.49
C ASN B 313 -26.18 3.44 -8.80
N GLY B 314 -25.33 4.33 -9.31
CA GLY B 314 -25.56 5.03 -10.58
C GLY B 314 -26.69 6.05 -10.57
N GLN B 315 -27.28 6.26 -9.40
CA GLN B 315 -28.41 7.17 -9.24
C GLN B 315 -28.12 8.27 -8.22
N PRO B 316 -28.81 9.42 -8.34
CA PRO B 316 -28.60 10.51 -7.37
C PRO B 316 -29.11 10.19 -5.96
N ARG B 317 -28.40 10.62 -4.93
CA ARG B 317 -28.96 10.53 -3.57
C ARG B 317 -30.10 11.55 -3.37
N ALA B 318 -30.74 11.53 -2.22
CA ALA B 318 -31.92 12.36 -1.98
C ALA B 318 -31.68 13.86 -2.09
N TYR B 319 -30.60 14.35 -1.44
CA TYR B 319 -30.23 15.77 -1.54
C TYR B 319 -29.93 16.17 -2.99
N THR B 320 -28.99 15.46 -3.64
CA THR B 320 -28.62 15.71 -5.03
C THR B 320 -29.80 15.69 -5.99
N ARG B 321 -30.64 14.66 -5.89
CA ARG B 321 -31.84 14.56 -6.74
C ARG B 321 -32.74 15.81 -6.67
N ILE B 322 -33.05 16.24 -5.45
CA ILE B 322 -33.81 17.44 -5.18
C ILE B 322 -33.08 18.71 -5.66
N PHE B 323 -31.77 18.82 -5.38
CA PHE B 323 -31.00 19.99 -5.82
C PHE B 323 -31.04 20.09 -7.35
N ALA B 324 -30.77 18.98 -8.02
CA ALA B 324 -30.70 18.95 -9.47
C ALA B 324 -32.03 19.31 -10.11
N GLU B 325 -33.14 18.81 -9.56
CA GLU B 325 -34.47 19.10 -10.11
C GLU B 325 -34.91 20.56 -9.86
N THR B 326 -34.37 21.19 -8.82
CA THR B 326 -34.81 22.53 -8.45
C THR B 326 -33.97 23.67 -9.00
N VAL B 327 -32.66 23.46 -9.14
CA VAL B 327 -31.76 24.55 -9.47
C VAL B 327 -31.89 24.92 -10.96
N ASP B 328 -31.96 26.24 -11.23
CA ASP B 328 -32.13 26.79 -12.58
C ASP B 328 -31.03 26.28 -13.51
N PRO B 329 -31.39 25.95 -14.77
CA PRO B 329 -30.46 25.51 -15.83
C PRO B 329 -29.29 26.45 -16.07
N SER B 330 -29.51 27.76 -15.90
CA SER B 330 -28.47 28.78 -16.08
C SER B 330 -27.29 28.66 -15.11
N ILE B 331 -27.54 28.15 -13.91
CA ILE B 331 -26.54 28.12 -12.83
C ILE B 331 -25.36 27.13 -13.05
N GLU B 332 -24.12 27.62 -12.90
CA GLU B 332 -22.93 26.73 -12.90
C GLU B 332 -22.82 25.99 -11.58
N VAL B 333 -22.79 24.66 -11.66
CA VAL B 333 -22.68 23.78 -10.51
C VAL B 333 -21.29 23.13 -10.44
N MET B 334 -20.59 23.32 -9.33
CA MET B 334 -19.24 22.77 -9.17
C MET B 334 -19.27 21.41 -8.52
N TRP B 335 -18.36 20.54 -8.93
CA TRP B 335 -18.16 19.28 -8.23
C TRP B 335 -16.69 18.91 -8.29
N THR B 336 -16.22 18.03 -7.41
CA THR B 336 -14.78 17.87 -7.25
C THR B 336 -14.21 16.61 -7.90
N GLY B 337 -15.09 15.82 -8.53
CA GLY B 337 -14.73 14.48 -9.01
C GLY B 337 -15.30 13.34 -8.19
N PRO B 338 -14.74 12.13 -8.36
CA PRO B 338 -15.24 10.91 -7.65
C PRO B 338 -15.09 10.93 -6.11
N GLY B 339 -14.19 11.77 -5.58
CA GLY B 339 -14.02 12.05 -4.13
C GLY B 339 -13.65 13.52 -3.98
N VAL B 340 -13.52 14.00 -2.75
CA VAL B 340 -13.17 15.39 -2.45
C VAL B 340 -11.74 15.69 -2.90
N VAL B 341 -10.83 14.79 -2.52
CA VAL B 341 -9.45 14.82 -2.95
C VAL B 341 -9.17 13.43 -3.46
N THR B 342 -9.02 13.35 -4.76
CA THR B 342 -9.13 12.07 -5.44
C THR B 342 -8.08 11.96 -6.54
N ASN B 343 -7.70 10.74 -6.88
CA ASN B 343 -6.66 10.52 -7.91
C ASN B 343 -7.00 11.06 -9.29
N GLU B 344 -8.24 10.83 -9.72
CA GLU B 344 -8.61 11.01 -11.13
C GLU B 344 -10.00 11.60 -11.26
N ILE B 345 -10.26 12.22 -12.41
CA ILE B 345 -11.61 12.35 -12.90
C ILE B 345 -11.66 11.65 -14.28
N PRO B 346 -12.10 10.39 -14.31
CA PRO B 346 -12.27 9.72 -15.61
C PRO B 346 -13.46 10.30 -16.33
N LEU B 347 -13.50 10.17 -17.65
CA LEU B 347 -14.61 10.64 -18.46
C LEU B 347 -15.99 10.13 -17.96
N SER B 348 -16.06 8.89 -17.50
CA SER B 348 -17.31 8.30 -17.05
C SER B 348 -17.87 9.00 -15.79
N ASP B 349 -16.99 9.53 -14.94
CA ASP B 349 -17.46 10.36 -13.82
C ASP B 349 -18.13 11.67 -14.29
N ALA B 350 -17.49 12.43 -15.16
CA ALA B 350 -18.08 13.69 -15.63
C ALA B 350 -19.41 13.44 -16.34
N GLN B 351 -19.45 12.38 -17.16
CA GLN B 351 -20.65 12.01 -17.88
C GLN B 351 -21.82 11.74 -16.94
N LEU B 352 -21.55 11.01 -15.86
CA LEU B 352 -22.54 10.67 -14.85
C LEU B 352 -23.16 11.92 -14.15
N ILE B 353 -22.30 12.75 -13.57
CA ILE B 353 -22.72 13.97 -12.88
C ILE B 353 -23.44 14.93 -13.83
N SER B 354 -22.83 15.11 -14.99
CA SER B 354 -23.33 15.98 -16.03
C SER B 354 -24.73 15.54 -16.48
N GLY B 355 -24.96 14.22 -16.49
CA GLY B 355 -26.29 13.66 -16.79
C GLY B 355 -27.32 13.97 -15.73
N ILE B 356 -26.95 13.81 -14.46
CA ILE B 356 -27.83 14.12 -13.33
C ILE B 356 -28.29 15.58 -13.35
N TYR B 357 -27.36 16.51 -13.60
CA TYR B 357 -27.66 17.95 -13.59
C TYR B 357 -28.05 18.44 -14.97
N ASP B 358 -28.19 17.50 -15.90
CA ASP B 358 -28.09 17.77 -17.36
C ASP B 358 -27.70 19.18 -17.86
N ARG B 359 -26.42 19.47 -17.67
CA ARG B 359 -25.79 20.71 -18.04
C ARG B 359 -24.30 20.34 -18.03
N ASN B 360 -23.46 21.13 -18.71
CA ASN B 360 -22.03 21.04 -18.50
C ASN B 360 -21.71 21.49 -17.09
N MET B 361 -20.70 20.85 -16.51
CA MET B 361 -20.39 21.04 -15.11
C MET B 361 -19.19 21.95 -14.95
N ALA B 362 -19.04 22.46 -13.73
CA ALA B 362 -17.85 23.20 -13.31
C ALA B 362 -17.03 22.28 -12.40
N VAL B 363 -15.70 22.31 -12.54
CA VAL B 363 -14.81 21.54 -11.67
C VAL B 363 -14.12 22.41 -10.59
N TRP B 364 -14.22 21.98 -9.33
CA TRP B 364 -13.38 22.48 -8.26
C TRP B 364 -12.37 21.37 -7.93
N TRP B 365 -11.12 21.55 -8.36
CA TRP B 365 -10.10 20.52 -8.24
C TRP B 365 -9.21 20.80 -7.03
N ASN B 366 -9.27 19.89 -6.05
CA ASN B 366 -8.51 20.00 -4.80
C ASN B 366 -7.03 19.56 -4.87
N TYR B 367 -6.32 20.16 -5.83
CA TYR B 367 -4.86 20.06 -5.94
C TYR B 367 -4.46 21.34 -6.63
N PRO B 368 -3.41 22.04 -6.15
CA PRO B 368 -2.42 21.67 -5.14
C PRO B 368 -2.73 21.99 -3.68
N VAL B 369 -3.98 22.33 -3.35
CA VAL B 369 -4.37 22.57 -1.96
C VAL B 369 -3.82 21.53 -0.96
N THR B 370 -3.35 22.02 0.19
CA THR B 370 -2.71 21.18 1.20
C THR B 370 -3.25 21.42 2.58
N ASP B 371 -4.44 22.03 2.71
CA ASP B 371 -4.93 22.41 4.04
C ASP B 371 -5.15 21.24 4.96
N TYR B 372 -5.39 20.06 4.40
CA TYR B 372 -5.75 18.86 5.15
C TYR B 372 -4.47 18.05 5.50
N PHE B 373 -3.30 18.53 5.06
CA PHE B 373 -2.02 17.86 5.31
C PHE B 373 -0.91 18.89 5.05
N LYS B 374 -0.81 19.88 5.94
CA LYS B 374 -0.08 21.13 5.68
C LYS B 374 1.43 20.95 5.60
N GLY B 375 1.92 19.83 6.10
CA GLY B 375 3.34 19.56 6.17
C GLY B 375 3.99 19.31 4.84
N LYS B 376 3.19 18.79 3.90
CA LYS B 376 3.68 18.52 2.53
C LYS B 376 3.35 19.68 1.56
N LEU B 377 4.28 19.97 0.64
CA LEU B 377 4.02 20.91 -0.46
C LEU B 377 3.57 20.15 -1.69
N ALA B 378 2.54 20.64 -2.37
CA ALA B 378 2.12 19.98 -3.61
C ALA B 378 2.67 20.69 -4.84
N LEU B 379 3.64 20.07 -5.48
CA LEU B 379 4.46 20.72 -6.48
C LEU B 379 4.41 19.98 -7.79
N GLY B 380 3.37 19.17 -7.97
CA GLY B 380 3.22 18.37 -9.18
C GLY B 380 2.28 18.99 -10.19
N PRO B 381 2.16 18.35 -11.36
CA PRO B 381 1.28 18.89 -12.38
C PRO B 381 -0.15 18.42 -12.19
N MET B 382 -1.08 18.99 -12.93
CA MET B 382 -2.41 18.39 -13.10
C MET B 382 -2.19 16.94 -13.54
N HIS B 383 -2.81 16.02 -12.82
CA HIS B 383 -2.58 14.62 -13.03
C HIS B 383 -3.88 13.92 -12.71
N GLY B 384 -4.35 13.10 -13.62
CA GLY B 384 -5.52 12.28 -13.35
C GLY B 384 -6.78 12.73 -14.04
N LEU B 385 -6.71 13.88 -14.69
CA LEU B 385 -7.88 14.46 -15.32
C LEU B 385 -7.99 14.03 -16.78
N ASP B 386 -9.10 13.38 -17.10
CA ASP B 386 -9.36 12.93 -18.46
C ASP B 386 -9.09 14.02 -19.51
N LYS B 387 -8.45 13.63 -20.60
CA LYS B 387 -8.09 14.58 -21.65
C LYS B 387 -9.29 14.90 -22.54
N GLY B 388 -10.40 14.19 -22.31
CA GLY B 388 -11.64 14.46 -23.00
C GLY B 388 -12.70 15.09 -22.12
N LEU B 389 -12.28 15.69 -21.01
CA LEU B 389 -13.22 16.17 -20.00
C LEU B 389 -14.14 17.30 -20.51
N ASN B 390 -13.66 18.05 -21.48
CA ASN B 390 -14.34 19.22 -21.99
C ASN B 390 -15.70 18.94 -22.62
N GLN B 391 -15.96 17.66 -22.93
CA GLN B 391 -17.27 17.24 -23.42
C GLN B 391 -18.41 17.47 -22.39
N TYR B 392 -18.08 17.46 -21.10
CA TYR B 392 -19.10 17.60 -20.05
C TYR B 392 -18.76 18.68 -19.03
N VAL B 393 -17.63 19.36 -19.23
CA VAL B 393 -17.16 20.40 -18.33
C VAL B 393 -16.82 21.63 -19.16
N ASP B 394 -17.30 22.79 -18.74
CA ASP B 394 -16.98 24.07 -19.42
C ASP B 394 -16.27 25.10 -18.53
N PHE B 395 -15.96 24.68 -17.31
CA PHE B 395 -15.48 25.57 -16.27
C PHE B 395 -14.51 24.73 -15.43
N PHE B 396 -13.22 25.07 -15.47
CA PHE B 396 -12.20 24.36 -14.69
C PHE B 396 -11.39 25.28 -13.75
N THR B 397 -11.46 25.01 -12.45
CA THR B 397 -10.65 25.76 -11.49
C THR B 397 -9.91 24.85 -10.53
N VAL B 398 -8.77 25.33 -10.02
CA VAL B 398 -8.03 24.59 -9.00
C VAL B 398 -8.04 25.32 -7.65
N ASN B 399 -8.08 24.54 -6.57
CA ASN B 399 -7.96 25.06 -5.22
C ASN B 399 -6.47 24.92 -4.88
N PRO B 400 -5.79 26.06 -4.67
CA PRO B 400 -4.33 26.10 -4.48
C PRO B 400 -3.90 25.99 -3.01
N MET B 401 -2.60 26.04 -2.73
CA MET B 401 -2.09 26.03 -1.34
C MET B 401 -2.16 27.43 -0.78
N GLU B 402 -2.20 27.51 0.55
CA GLU B 402 -2.01 28.77 1.24
C GLU B 402 -0.67 29.43 0.84
N HIS B 403 0.24 28.62 0.28
CA HIS B 403 1.53 29.06 -0.24
C HIS B 403 1.37 29.53 -1.68
N ALA B 404 1.24 30.84 -1.86
CA ALA B 404 0.91 31.40 -3.18
C ALA B 404 1.96 31.12 -4.25
N GLU B 405 3.23 31.31 -3.89
CA GLU B 405 4.32 31.32 -4.87
C GLU B 405 4.61 29.95 -5.43
N LEU B 406 4.71 28.98 -4.53
CA LEU B 406 4.91 27.59 -4.94
C LEU B 406 3.67 26.98 -5.59
N SER B 407 2.49 27.52 -5.33
CA SER B 407 1.29 27.08 -6.06
C SER B 407 1.42 27.25 -7.58
N LYS B 408 2.34 28.12 -8.00
CA LYS B 408 2.43 28.51 -9.41
C LYS B 408 2.85 27.38 -10.30
N ILE B 409 3.63 26.45 -9.78
CA ILE B 409 4.09 25.31 -10.56
C ILE B 409 2.87 24.52 -11.02
N SER B 410 1.98 24.22 -10.08
CA SER B 410 0.79 23.42 -10.37
C SER B 410 -0.17 24.20 -11.26
N ILE B 411 -0.35 25.48 -10.91
CA ILE B 411 -1.27 26.37 -11.61
C ILE B 411 -0.83 26.53 -13.07
N HIS B 412 0.47 26.76 -13.25
CA HIS B 412 1.10 26.75 -14.56
C HIS B 412 0.64 25.56 -15.46
N THR B 413 0.67 24.36 -14.92
CA THR B 413 0.22 23.18 -15.68
C THR B 413 -1.32 23.16 -15.83
N ALA B 414 -2.05 23.78 -14.91
CA ALA B 414 -3.50 23.90 -15.05
C ALA B 414 -3.87 24.84 -16.18
N ALA B 415 -3.03 25.84 -16.41
CA ALA B 415 -3.22 26.75 -17.53
C ALA B 415 -3.09 25.98 -18.85
N ASP B 416 -2.16 25.04 -18.92
CA ASP B 416 -1.90 24.32 -20.15
C ASP B 416 -2.98 23.27 -20.36
N TYR B 417 -3.41 22.61 -19.28
CA TYR B 417 -4.39 21.54 -19.40
C TYR B 417 -5.74 22.06 -19.87
N SER B 418 -6.17 23.19 -19.28
CA SER B 418 -7.49 23.75 -19.60
C SER B 418 -7.54 24.49 -20.92
N TRP B 419 -6.42 25.10 -21.32
CA TRP B 419 -6.34 25.82 -22.60
C TRP B 419 -6.15 24.89 -23.80
N ASN B 420 -5.28 23.87 -23.63
CA ASN B 420 -4.98 22.91 -24.69
C ASN B 420 -5.06 21.49 -24.14
N MET B 421 -6.29 21.03 -23.93
CA MET B 421 -6.53 19.80 -23.19
C MET B 421 -6.00 18.58 -23.91
N ASP B 422 -6.26 18.50 -25.21
CA ASP B 422 -5.98 17.32 -26.02
C ASP B 422 -4.51 16.98 -26.10
N ASN B 423 -3.66 18.01 -26.10
CA ASN B 423 -2.25 17.78 -26.25
C ASN B 423 -1.48 17.82 -24.95
N TYR B 424 -2.20 18.03 -23.84
CA TYR B 424 -1.61 18.07 -22.49
C TYR B 424 -0.80 16.83 -22.12
N ASP B 425 0.49 17.03 -21.90
CA ASP B 425 1.41 16.00 -21.41
C ASP B 425 1.85 16.41 -19.99
N TYR B 426 1.47 15.66 -18.97
CA TYR B 426 1.78 16.11 -17.60
C TYR B 426 3.27 16.23 -17.28
N ASP B 427 4.09 15.33 -17.82
CA ASP B 427 5.54 15.37 -17.56
C ASP B 427 6.18 16.57 -18.27
N LYS B 428 5.80 16.76 -19.53
CA LYS B 428 6.22 17.91 -20.31
C LYS B 428 5.82 19.26 -19.67
N ALA B 429 4.56 19.37 -19.29
CA ALA B 429 4.06 20.59 -18.66
C ALA B 429 4.76 20.90 -17.33
N TRP B 430 4.97 19.88 -16.51
CA TRP B 430 5.65 20.07 -15.22
C TRP B 430 7.06 20.56 -15.43
N ASN B 431 7.76 19.92 -16.37
CA ASN B 431 9.11 20.33 -16.74
C ASN B 431 9.16 21.76 -17.26
N ARG B 432 8.26 22.08 -18.17
CA ARG B 432 8.13 23.44 -18.72
C ARG B 432 7.83 24.46 -17.61
N ALA B 433 7.01 24.09 -16.64
CA ALA B 433 6.61 24.99 -15.56
C ALA B 433 7.80 25.40 -14.71
N ILE B 434 8.59 24.42 -14.32
CA ILE B 434 9.78 24.69 -13.57
C ILE B 434 10.85 25.45 -14.40
N ASP B 435 11.02 25.10 -15.68
CA ASP B 435 11.93 25.85 -16.56
C ASP B 435 11.54 27.33 -16.62
N MET B 436 10.25 27.59 -16.84
CA MET B 436 9.79 28.96 -17.07
C MET B 436 9.81 29.81 -15.80
N LEU B 437 9.56 29.18 -14.65
CA LEU B 437 9.46 29.88 -13.39
C LEU B 437 10.78 30.08 -12.64
N TYR B 438 11.73 29.14 -12.80
CA TYR B 438 12.90 29.12 -11.92
C TYR B 438 14.21 29.55 -12.60
N GLY B 439 14.18 29.61 -13.92
CA GLY B 439 15.30 30.13 -14.70
C GLY B 439 16.54 29.28 -14.54
N ASP B 440 17.59 29.89 -13.99
CA ASP B 440 18.88 29.21 -13.78
C ASP B 440 18.84 28.16 -12.67
N LEU B 441 17.84 28.25 -11.79
CA LEU B 441 17.67 27.28 -10.69
C LEU B 441 16.82 26.06 -11.05
N ALA B 442 16.38 25.95 -12.30
CA ALA B 442 15.39 24.96 -12.70
C ALA B 442 15.82 23.51 -12.52
N GLU B 443 17.07 23.17 -12.83
CA GLU B 443 17.50 21.79 -12.71
C GLU B 443 17.51 21.37 -11.24
N ASP B 444 18.01 22.23 -10.37
CA ASP B 444 17.96 21.99 -8.94
C ASP B 444 16.52 21.92 -8.37
N MET B 445 15.63 22.80 -8.85
CA MET B 445 14.26 22.80 -8.35
C MET B 445 13.52 21.54 -8.77
N LYS B 446 13.79 21.06 -9.99
CA LYS B 446 13.30 19.77 -10.46
C LYS B 446 13.66 18.58 -9.55
N VAL B 447 14.89 18.55 -9.05
CA VAL B 447 15.32 17.46 -8.19
C VAL B 447 14.49 17.43 -6.90
N PHE B 448 14.31 18.61 -6.30
CA PHE B 448 13.57 18.77 -5.05
C PHE B 448 12.06 18.59 -5.25
N ALA B 449 11.47 19.36 -6.15
CA ALA B 449 10.02 19.28 -6.39
C ALA B 449 9.53 17.88 -6.89
N ASN B 450 10.40 17.16 -7.56
CA ASN B 450 10.15 15.79 -8.06
C ASN B 450 9.85 14.84 -6.89
N HIS B 451 10.34 15.19 -5.71
CA HIS B 451 10.08 14.42 -4.49
C HIS B 451 8.81 14.87 -3.75
N SER B 452 8.08 15.84 -4.30
CA SER B 452 6.99 16.47 -3.55
C SER B 452 5.78 16.75 -4.40
N THR B 453 5.31 15.72 -5.11
CA THR B 453 4.18 15.84 -5.99
C THR B 453 2.93 15.08 -5.47
N ARG B 454 3.14 13.97 -4.77
CA ARG B 454 2.04 13.10 -4.36
C ARG B 454 1.50 13.50 -2.98
N MET B 455 0.18 13.73 -2.91
CA MET B 455 -0.51 14.08 -1.68
C MET B 455 -1.31 12.89 -1.14
N ASP B 456 -1.17 12.62 0.16
CA ASP B 456 -1.78 11.45 0.77
C ASP B 456 -1.81 11.68 2.28
N ASN B 457 -3.01 11.76 2.86
CA ASN B 457 -3.14 11.95 4.30
C ASN B 457 -3.26 10.62 5.07
N LYS B 458 -3.01 9.52 4.38
CA LYS B 458 -3.04 8.19 4.98
C LYS B 458 -4.46 7.63 5.10
N THR B 459 -5.47 8.46 4.80
CA THR B 459 -6.86 8.05 4.92
C THR B 459 -7.75 8.47 3.73
N TRP B 460 -8.53 9.54 3.90
CA TRP B 460 -9.52 9.90 2.89
C TRP B 460 -9.02 10.69 1.66
N ALA B 461 -7.90 11.38 1.81
CA ALA B 461 -7.43 12.32 0.82
C ALA B 461 -6.15 11.84 0.13
N LYS B 462 -6.23 11.66 -1.18
CA LYS B 462 -5.07 11.28 -1.98
C LYS B 462 -5.20 11.77 -3.43
N SER B 463 -4.12 12.32 -3.97
CA SER B 463 -4.08 12.91 -5.31
C SER B 463 -2.67 13.24 -5.76
N GLY B 464 -2.41 13.18 -7.07
CA GLY B 464 -1.21 13.73 -7.65
C GLY B 464 -0.27 12.68 -8.22
N ARG B 465 0.67 13.11 -9.06
CA ARG B 465 1.74 12.25 -9.57
C ARG B 465 2.50 11.63 -8.40
N GLU B 466 2.88 10.34 -8.52
CA GLU B 466 3.77 9.71 -7.53
C GLU B 466 5.10 10.50 -7.39
N ASP B 467 5.60 10.61 -6.16
CA ASP B 467 6.95 11.15 -5.90
C ASP B 467 8.04 10.35 -6.60
N ALA B 468 9.05 11.06 -7.12
CA ALA B 468 10.25 10.50 -7.77
C ALA B 468 10.15 9.09 -8.34
N PRO B 469 9.43 8.91 -9.44
CA PRO B 469 9.10 7.56 -9.94
C PRO B 469 10.30 6.75 -10.39
N GLU B 470 11.22 7.43 -11.04
CA GLU B 470 12.38 6.77 -11.60
C GLU B 470 13.32 6.32 -10.47
N LEU B 471 13.44 7.14 -9.45
CA LEU B 471 14.23 6.74 -8.28
C LEU B 471 13.57 5.53 -7.55
N ARG B 472 12.25 5.60 -7.39
CA ARG B 472 11.48 4.51 -6.81
C ARG B 472 11.72 3.20 -7.56
N ALA B 473 11.73 3.23 -8.89
CA ALA B 473 11.99 2.00 -9.66
C ALA B 473 13.43 1.45 -9.50
N LYS B 474 14.39 2.36 -9.32
CA LYS B 474 15.78 1.96 -9.06
C LYS B 474 15.94 1.29 -7.69
N MET B 475 15.27 1.85 -6.68
CA MET B 475 15.30 1.26 -5.35
C MET B 475 14.69 -0.13 -5.39
N ASP B 476 13.52 -0.23 -6.02
CA ASP B 476 12.87 -1.51 -6.33
C ASP B 476 13.79 -2.54 -6.94
N GLU B 477 14.58 -2.11 -7.93
CA GLU B 477 15.50 -3.03 -8.61
C GLU B 477 16.72 -3.44 -7.73
N LEU B 478 17.13 -2.56 -6.85
CA LEU B 478 18.17 -2.90 -5.90
C LEU B 478 17.74 -4.05 -4.98
N TRP B 479 16.53 -3.94 -4.44
CA TRP B 479 16.01 -4.95 -3.55
C TRP B 479 15.79 -6.28 -4.32
N ASN B 480 15.31 -6.18 -5.58
CA ASN B 480 15.13 -7.34 -6.45
C ASN B 480 16.45 -8.08 -6.75
C ASN B 480 16.48 -8.07 -6.61
N LYS B 481 17.55 -7.32 -6.87
CA LYS B 481 18.88 -7.93 -7.01
C LYS B 481 19.45 -8.50 -5.69
N LEU B 482 19.34 -7.73 -4.63
CA LEU B 482 19.93 -8.17 -3.36
C LEU B 482 19.24 -9.39 -2.76
N SER B 483 17.91 -9.44 -2.86
CA SER B 483 17.18 -10.61 -2.36
C SER B 483 17.34 -11.83 -3.26
N SER B 484 17.87 -11.65 -4.47
CA SER B 484 18.21 -12.76 -5.37
C SER B 484 19.71 -13.08 -5.35
N LYS B 485 20.40 -12.58 -4.33
CA LYS B 485 21.87 -12.68 -4.19
C LYS B 485 22.67 -12.45 -5.47
N GLU B 486 22.28 -11.45 -6.26
CA GLU B 486 23.03 -11.06 -7.46
C GLU B 486 23.91 -9.81 -7.19
N ASP B 487 24.86 -9.57 -8.10
CA ASP B 487 25.77 -8.42 -8.04
C ASP B 487 25.00 -7.12 -8.26
N ALA B 488 25.11 -6.19 -7.31
CA ALA B 488 24.33 -4.96 -7.38
C ALA B 488 25.17 -3.70 -7.24
N SER B 489 26.48 -3.89 -7.33
CA SER B 489 27.50 -2.83 -7.28
C SER B 489 27.24 -1.58 -8.11
N ALA B 490 26.91 -1.76 -9.38
CA ALA B 490 26.80 -0.66 -10.32
C ALA B 490 25.60 0.19 -9.94
N LEU B 491 24.55 -0.50 -9.50
CA LEU B 491 23.29 0.10 -9.12
C LEU B 491 23.41 0.81 -7.77
N ILE B 492 24.18 0.22 -6.85
CA ILE B 492 24.47 0.84 -5.57
C ILE B 492 25.16 2.18 -5.80
N GLU B 493 26.23 2.13 -6.61
CA GLU B 493 26.97 3.30 -7.03
C GLU B 493 26.08 4.40 -7.63
N GLU B 494 25.16 3.99 -8.50
CA GLU B 494 24.25 4.92 -9.13
C GLU B 494 23.33 5.60 -8.10
N LEU B 495 22.92 4.83 -7.09
CA LEU B 495 22.11 5.34 -5.99
C LEU B 495 22.87 6.32 -5.08
N TYR B 496 24.12 6.01 -4.76
CA TYR B 496 24.96 6.97 -4.05
C TYR B 496 25.00 8.33 -4.73
N GLY B 497 25.11 8.31 -6.07
CA GLY B 497 25.07 9.50 -6.90
C GLY B 497 23.74 10.22 -6.83
N GLU B 498 22.63 9.51 -6.87
CA GLU B 498 21.30 10.16 -6.78
C GLU B 498 21.11 10.85 -5.44
N PHE B 499 21.55 10.19 -4.38
CA PHE B 499 21.35 10.73 -3.05
C PHE B 499 22.21 11.99 -2.84
N ALA B 500 23.45 11.96 -3.33
CA ALA B 500 24.35 13.09 -3.21
C ALA B 500 23.79 14.27 -3.97
N ARG B 501 23.25 13.97 -5.15
CA ARG B 501 22.62 14.96 -6.00
C ARG B 501 21.41 15.58 -5.32
N MET B 502 20.60 14.79 -4.60
CA MET B 502 19.43 15.33 -3.89
C MET B 502 19.89 16.38 -2.89
N GLU B 503 20.95 16.06 -2.15
CA GLU B 503 21.54 16.96 -1.15
C GLU B 503 22.16 18.23 -1.78
N GLU B 504 22.84 18.07 -2.90
CA GLU B 504 23.45 19.19 -3.62
C GLU B 504 22.37 20.18 -4.11
N ALA B 505 21.34 19.67 -4.74
CA ALA B 505 20.24 20.47 -5.20
C ALA B 505 19.57 21.29 -4.07
N CYS B 506 19.31 20.65 -2.95
CA CYS B 506 18.61 21.33 -1.88
C CYS B 506 19.50 22.42 -1.30
N ASN B 507 20.80 22.13 -1.13
CA ASN B 507 21.74 23.12 -0.63
C ASN B 507 21.93 24.31 -1.55
N ASN B 508 21.88 24.07 -2.86
CA ASN B 508 21.98 25.16 -3.82
C ASN B 508 20.70 25.98 -3.79
N LEU B 509 19.56 25.31 -3.58
CA LEU B 509 18.29 26.00 -3.42
C LEU B 509 18.21 26.83 -2.16
N LYS B 510 18.71 26.31 -1.04
CA LYS B 510 18.73 27.11 0.18
C LYS B 510 19.51 28.44 0.01
N ALA B 511 20.66 28.37 -0.65
CA ALA B 511 21.54 29.49 -0.81
C ALA B 511 21.05 30.47 -1.89
N ASN B 512 20.42 29.96 -2.94
CA ASN B 512 20.10 30.84 -4.07
C ASN B 512 18.63 31.08 -4.38
N LEU B 513 17.69 30.39 -3.72
CA LEU B 513 16.27 30.67 -3.99
C LEU B 513 15.91 32.09 -3.58
N PRO B 514 15.10 32.78 -4.40
CA PRO B 514 14.57 34.06 -3.91
C PRO B 514 13.75 33.80 -2.66
N GLU B 515 13.76 34.75 -1.72
CA GLU B 515 13.11 34.61 -0.41
C GLU B 515 11.62 34.26 -0.52
N VAL B 516 10.93 34.87 -1.46
CA VAL B 516 9.51 34.66 -1.64
C VAL B 516 9.17 33.15 -1.85
N ALA B 517 10.08 32.40 -2.45
CA ALA B 517 9.90 30.95 -2.59
C ALA B 517 10.52 30.18 -1.44
N LEU B 518 11.73 30.56 -1.03
CA LEU B 518 12.39 29.88 0.09
C LEU B 518 11.61 29.94 1.40
N GLU B 519 10.89 31.03 1.65
CA GLU B 519 10.06 31.19 2.84
C GLU B 519 9.04 30.06 3.03
N GLU B 520 8.52 29.58 1.88
CA GLU B 520 7.52 28.53 1.83
C GLU B 520 8.08 27.08 1.86
N CYS B 521 9.36 26.87 1.57
CA CYS B 521 9.86 25.48 1.49
C CYS B 521 11.12 25.16 2.29
N SER B 522 11.56 26.06 3.16
CA SER B 522 12.85 25.86 3.79
C SER B 522 12.85 24.62 4.67
N ARG B 523 11.73 24.34 5.34
CA ARG B 523 11.65 23.15 6.20
C ARG B 523 11.66 21.86 5.39
N GLN B 524 11.02 21.90 4.23
CA GLN B 524 10.95 20.74 3.34
C GLN B 524 12.32 20.50 2.65
N LEU B 525 13.05 21.56 2.39
CA LEU B 525 14.47 21.48 1.96
C LEU B 525 15.35 20.73 2.99
N ASP B 526 15.31 21.17 4.25
CA ASP B 526 16.11 20.47 5.27
C ASP B 526 15.68 19.02 5.46
N GLU B 527 14.40 18.75 5.28
CA GLU B 527 13.85 17.41 5.47
C GLU B 527 14.35 16.46 4.38
N LEU B 528 14.39 16.95 3.13
CA LEU B 528 14.91 16.15 2.05
C LEU B 528 16.43 15.92 2.15
N ILE B 529 17.15 16.86 2.74
CA ILE B 529 18.57 16.72 2.95
C ILE B 529 18.78 15.62 3.97
N THR B 530 17.98 15.68 5.04
CA THR B 530 18.02 14.66 6.11
C THR B 530 17.76 13.25 5.57
N LEU B 531 16.75 13.10 4.72
CA LEU B 531 16.39 11.78 4.21
C LEU B 531 17.49 11.29 3.26
N ALA B 532 18.02 12.21 2.45
CA ALA B 532 19.11 11.92 1.48
C ALA B 532 20.31 11.38 2.21
N GLN B 533 20.62 11.97 3.36
CA GLN B 533 21.69 11.50 4.23
C GLN B 533 21.38 10.13 4.85
N GLY B 534 20.13 9.91 5.27
CA GLY B 534 19.69 8.62 5.76
C GLY B 534 19.69 7.56 4.67
N ASP B 535 19.35 7.99 3.44
CA ASP B 535 19.40 7.11 2.28
C ASP B 535 20.83 6.62 2.01
N LYS B 536 21.79 7.56 2.03
CA LYS B 536 23.21 7.29 1.86
C LYS B 536 23.65 6.29 2.93
N ALA B 537 23.33 6.62 4.20
CA ALA B 537 23.62 5.76 5.33
C ALA B 537 22.98 4.38 5.17
N SER B 538 21.79 4.34 4.54
CA SER B 538 21.14 3.06 4.25
C SER B 538 22.02 2.23 3.32
N LEU B 539 22.57 2.88 2.31
CA LEU B 539 23.50 2.21 1.41
C LEU B 539 24.75 1.70 2.13
N ASP B 540 25.31 2.55 2.99
CA ASP B 540 26.46 2.17 3.79
C ASP B 540 26.17 0.89 4.56
N MET B 541 24.95 0.82 5.10
CA MET B 541 24.51 -0.29 5.95
C MET B 541 24.44 -1.59 5.16
N ILE B 542 23.94 -1.47 3.92
CA ILE B 542 23.88 -2.58 2.98
C ILE B 542 25.27 -3.11 2.60
N VAL B 543 26.18 -2.20 2.24
CA VAL B 543 27.52 -2.59 1.82
C VAL B 543 28.32 -3.25 2.96
N ALA B 544 28.13 -2.74 4.18
CA ALA B 544 28.72 -3.35 5.37
C ALA B 544 28.19 -4.76 5.63
N GLN B 545 26.89 -4.97 5.43
CA GLN B 545 26.29 -6.28 5.60
C GLN B 545 26.82 -7.25 4.57
N LEU B 546 26.97 -6.77 3.34
CA LEU B 546 27.57 -7.57 2.28
C LEU B 546 29.01 -7.96 2.59
N ASN B 547 29.77 -7.05 3.20
CA ASN B 547 31.20 -7.29 3.50
C ASN B 547 31.46 -7.92 4.83
N GLU B 548 30.40 -8.35 5.51
CA GLU B 548 30.48 -8.87 6.88
C GLU B 548 31.19 -7.94 7.89
N ASP B 549 31.37 -6.68 7.53
CA ASP B 549 31.91 -5.67 8.44
C ASP B 549 30.84 -5.29 9.48
N THR B 550 30.85 -5.97 10.61
CA THR B 550 29.78 -5.81 11.61
C THR B 550 29.74 -4.41 12.23
N GLU B 551 30.91 -3.82 12.44
CA GLU B 551 30.97 -2.56 13.18
C GLU B 551 30.61 -1.36 12.30
N ALA B 552 31.00 -1.40 11.02
CA ALA B 552 30.63 -0.36 10.08
C ALA B 552 29.12 -0.41 9.82
N TYR B 553 28.54 -1.60 9.94
CA TYR B 553 27.11 -1.82 9.84
C TYR B 553 26.35 -1.16 10.98
N GLU B 554 26.84 -1.38 12.21
CA GLU B 554 26.15 -0.88 13.40
C GLU B 554 26.21 0.65 13.39
N SER B 555 27.36 1.19 13.00
CA SER B 555 27.55 2.62 12.87
C SER B 555 26.63 3.24 11.82
N ALA B 556 26.53 2.58 10.66
CA ALA B 556 25.62 3.04 9.61
C ALA B 556 24.15 2.87 9.99
N LYS B 557 23.80 1.74 10.61
CA LYS B 557 22.46 1.50 11.12
C LYS B 557 21.96 2.65 12.03
N GLU B 558 22.79 3.06 13.00
CA GLU B 558 22.43 4.09 13.96
C GLU B 558 22.17 5.43 13.27
N ILE B 559 22.99 5.77 12.28
CA ILE B 559 22.78 6.97 11.48
C ILE B 559 21.50 6.88 10.64
N ALA B 560 21.30 5.76 9.94
CA ALA B 560 20.11 5.62 9.08
C ALA B 560 18.86 5.79 9.93
N GLN B 561 18.92 5.22 11.13
CA GLN B 561 17.79 5.23 12.05
C GLN B 561 17.50 6.59 12.65
N ASN B 562 18.55 7.34 12.99
CA ASN B 562 18.37 8.70 13.51
C ASN B 562 17.85 9.65 12.46
N LYS B 563 18.36 9.51 11.23
CA LYS B 563 17.88 10.35 10.14
C LYS B 563 16.40 10.11 9.85
N LEU B 564 15.96 8.86 9.89
CA LEU B 564 14.57 8.56 9.68
C LEU B 564 13.74 9.15 10.81
N ASN B 565 14.15 8.90 12.05
CA ASN B 565 13.47 9.42 13.23
C ASN B 565 13.35 10.92 13.20
N THR B 566 14.40 11.59 12.77
CA THR B 566 14.31 13.03 12.57
C THR B 566 13.20 13.42 11.56
N ALA B 567 13.23 12.82 10.39
CA ALA B 567 12.24 13.14 9.36
C ALA B 567 10.79 12.85 9.82
N LEU B 568 10.61 11.72 10.50
CA LEU B 568 9.30 11.31 11.01
C LEU B 568 8.77 12.29 12.07
N SER B 569 9.68 12.91 12.82
CA SER B 569 9.33 13.84 13.90
C SER B 569 8.99 15.22 13.37
N SER B 570 9.57 15.56 12.22
CA SER B 570 9.41 16.88 11.61
C SER B 570 7.99 17.17 11.20
N PHE B 571 7.64 18.45 11.26
CA PHE B 571 6.40 18.93 10.69
C PHE B 571 6.44 18.72 9.16
N ALA B 572 7.59 19.04 8.57
CA ALA B 572 7.79 18.85 7.14
C ALA B 572 7.61 17.40 6.74
N VAL B 573 6.96 17.18 5.60
CA VAL B 573 6.78 15.88 5.02
C VAL B 573 7.22 16.01 3.56
N ILE B 574 7.92 14.98 3.07
CA ILE B 574 8.36 14.92 1.68
C ILE B 574 8.76 13.49 1.39
N SER B 575 8.46 13.02 0.17
CA SER B 575 8.93 11.72 -0.36
C SER B 575 8.64 10.53 0.54
N GLU B 576 7.42 10.45 1.06
CA GLU B 576 7.11 9.41 2.02
C GLU B 576 7.46 8.06 1.45
N LYS B 577 7.02 7.81 0.20
CA LYS B 577 7.07 6.48 -0.39
C LYS B 577 8.38 6.16 -1.09
N VAL B 578 9.29 7.13 -1.15
CA VAL B 578 10.58 6.95 -1.82
C VAL B 578 11.73 7.15 -0.87
N ALA B 579 12.15 8.40 -0.74
CA ALA B 579 13.31 8.71 0.07
C ALA B 579 13.18 8.24 1.51
N GLN B 580 11.99 8.36 2.06
CA GLN B 580 11.76 8.01 3.46
C GLN B 580 11.58 6.51 3.59
N SER B 581 10.76 5.96 2.72
CA SER B 581 10.43 4.55 2.76
C SER B 581 11.67 3.69 2.54
N PHE B 582 12.59 4.20 1.73
CA PHE B 582 13.82 3.49 1.45
C PHE B 582 14.59 3.13 2.70
N ILE B 583 14.67 4.09 3.63
CA ILE B 583 15.34 3.85 4.92
C ILE B 583 14.67 2.73 5.72
N GLN B 584 13.34 2.80 5.86
CA GLN B 584 12.54 1.73 6.50
C GLN B 584 12.77 0.39 5.82
N GLU B 585 12.78 0.39 4.48
CA GLU B 585 13.09 -0.80 3.68
C GLU B 585 14.46 -1.39 3.98
N ALA B 586 15.47 -0.53 4.07
CA ALA B 586 16.84 -0.94 4.33
C ALA B 586 17.08 -1.44 5.77
N LEU B 587 16.45 -0.78 6.74
CA LEU B 587 16.49 -1.26 8.12
C LEU B 587 15.80 -2.60 8.28
N SER B 588 14.74 -2.86 7.51
CA SER B 588 14.05 -4.15 7.61
C SER B 588 14.70 -5.27 6.79
N PHE B 589 15.67 -4.93 5.93
CA PHE B 589 16.27 -5.89 5.03
C PHE B 589 17.41 -6.60 5.76
N ASP B 590 17.12 -7.78 6.28
CA ASP B 590 18.09 -8.52 7.07
C ASP B 590 19.11 -9.31 6.23
N LEU B 591 20.28 -8.71 6.10
CA LEU B 591 21.43 -9.28 5.38
C LEU B 591 22.54 -9.77 6.33
N THR B 592 22.24 -9.88 7.62
CA THR B 592 23.21 -10.45 8.56
C THR B 592 23.02 -11.96 8.72
N LEU B 593 22.01 -12.51 8.02
CA LEU B 593 21.74 -13.94 8.05
C LEU B 593 22.81 -14.69 7.25
N ILE B 594 23.66 -15.43 7.96
CA ILE B 594 24.78 -16.13 7.35
C ILE B 594 24.88 -17.57 7.87
#